data_8S01
#
_entry.id   8S01
#
_cell.length_a   46.572
_cell.length_b   216.554
_cell.length_c   56.070
_cell.angle_alpha   90.00
_cell.angle_beta   96.69
_cell.angle_gamma   90.00
#
_symmetry.space_group_name_H-M   'P 1 21 1'
#
loop_
_entity.id
_entity.type
_entity.pdbx_description
1 polymer 'Tyrosine-protein phosphatase non-receptor type 11'
2 non-polymer 3-(4-chlorophenyl)-1H-pyrazole
3 water water
#
_entity_poly.entity_id   1
_entity_poly.type   'polypeptide(L)'
_entity_poly.pdbx_seq_one_letter_code
;HMTSRRWFHPNITGVEAENLLLTRGVDGSFLARPSKSNPGDFTLSVRRNGAVTHIKIQNTGDYYDLYGGEKFATLAELVQ
YYMEHHGQLKEKNGDVIELKYPLNCADPTSERWFHGHLSGKEAEKLLTEKGKHGSFLVRESQSHPGDFVLSVRTGDDKGE
SNDGKSKVTHVMIRCQELKYDVGGGERFDSLTDLVEHYKKNPMVETLGTVLQLKQPLNTTRINAAEIESRVRELSKLAET
TDKVKQGFWEEFETLQQQECKLLYSRKEGQRQENKNKNRYKNILPFDHTRVVLHDGDPNEPVSDYINANIIMPEFETKCN
NSKPKKSYIATQGCLQNTVNDFWRMVFQENSRVIVMTTKEVERGKSKCVKYWPDEYALKEYGVMRVRNVKESAAHDYTLR
ELKLSKVGQGNTERTVWQYHFRTWPDHGVPSDPGGVLDFLEEVHHKQESIMDAGPVVVHCSAGIGRTGTFIVIDILIDII
REKGVDCDIDVPKTIQMVRSQRSGMVQTEAQYRFIYMAVQHYIETLQRRLEHHHHHH
;
_entity_poly.pdbx_strand_id   A,B
#
loop_
_chem_comp.id
_chem_comp.type
_chem_comp.name
_chem_comp.formula
A1H4J non-polymer 3-(4-chlorophenyl)-1H-pyrazole 'C9 H7 Cl N2'
#
# COMPACT_ATOMS: atom_id res chain seq x y z
N SER A 4 3.89 11.02 4.86
CA SER A 4 2.94 11.56 5.87
C SER A 4 3.70 12.43 6.88
N ARG A 5 3.03 12.85 7.96
CA ARG A 5 3.61 13.82 8.91
C ARG A 5 3.48 13.31 10.34
N ARG A 6 3.79 12.03 10.49
CA ARG A 6 3.52 11.29 11.71
C ARG A 6 4.57 11.62 12.77
N TRP A 7 5.65 12.30 12.38
CA TRP A 7 6.76 12.66 13.28
C TRP A 7 6.45 13.92 14.12
N PHE A 8 5.30 14.58 13.91
CA PHE A 8 4.87 15.69 14.76
C PHE A 8 3.93 15.16 15.86
N HIS A 9 4.29 15.40 17.12
CA HIS A 9 3.54 14.97 18.30
C HIS A 9 2.94 16.20 19.01
N PRO A 10 1.67 16.51 18.74
CA PRO A 10 1.10 17.78 19.24
C PRO A 10 0.95 17.92 20.77
N ASN A 11 1.02 16.84 21.55
CA ASN A 11 0.65 16.91 22.98
C ASN A 11 1.64 16.13 23.84
N ILE A 12 2.94 16.35 23.65
CA ILE A 12 3.96 15.55 24.32
C ILE A 12 4.86 16.50 25.13
N THR A 13 5.28 16.09 26.32
CA THR A 13 6.22 16.89 27.12
C THR A 13 7.65 16.47 26.77
N GLY A 14 8.61 17.34 27.10
CA GLY A 14 10.03 17.03 26.91
C GLY A 14 10.42 15.69 27.49
N VAL A 15 9.92 15.37 28.70
CA VAL A 15 10.26 14.13 29.39
C VAL A 15 9.64 12.95 28.63
N GLU A 16 8.42 13.11 28.13
CA GLU A 16 7.75 12.08 27.33
C GLU A 16 8.52 11.86 26.02
N ALA A 17 9.00 12.93 25.39
CA ALA A 17 9.80 12.85 24.17
C ALA A 17 11.07 12.00 24.38
N GLU A 18 11.74 12.24 25.49
CA GLU A 18 12.97 11.51 25.82
C GLU A 18 12.67 10.02 26.03
N ASN A 19 11.69 9.74 26.89
CA ASN A 19 11.28 8.36 27.16
C ASN A 19 11.04 7.60 25.85
N LEU A 20 10.24 8.19 24.95
CA LEU A 20 9.82 7.56 23.68
C LEU A 20 11.02 7.19 22.80
N LEU A 21 11.92 8.15 22.58
CA LEU A 21 13.14 7.95 21.78
C LEU A 21 14.03 6.88 22.42
N LEU A 22 14.09 6.83 23.75
CA LEU A 22 15.03 5.95 24.44
C LEU A 22 14.51 4.52 24.46
N THR A 23 13.19 4.32 24.50
CA THR A 23 12.64 2.97 24.67
C THR A 23 12.05 2.45 23.35
N ARG A 24 11.66 3.33 22.42
CA ARG A 24 11.06 2.83 21.16
C ARG A 24 11.86 3.31 19.93
N GLY A 25 12.95 4.05 20.12
CA GLY A 25 13.76 4.49 19.00
C GLY A 25 15.16 3.93 19.05
N VAL A 26 15.98 4.35 18.10
CA VAL A 26 17.41 4.07 18.03
C VAL A 26 18.15 5.36 17.60
N ASP A 27 19.47 5.30 17.58
CA ASP A 27 20.27 6.39 17.07
C ASP A 27 19.80 6.78 15.67
N GLY A 28 19.42 8.05 15.53
CA GLY A 28 18.93 8.55 14.28
C GLY A 28 17.43 8.74 14.28
N SER A 29 16.72 8.20 15.26
CA SER A 29 15.29 8.50 15.46
C SER A 29 15.10 9.96 15.89
N PHE A 30 14.00 10.60 15.45
CA PHE A 30 13.68 11.99 15.77
C PHE A 30 12.16 12.20 15.85
N LEU A 31 11.77 13.31 16.48
CA LEU A 31 10.39 13.79 16.44
C LEU A 31 10.39 15.32 16.65
N ALA A 32 9.29 15.96 16.30
CA ALA A 32 9.10 17.37 16.55
C ALA A 32 7.84 17.57 17.42
N ARG A 33 7.91 18.59 18.29
CA ARG A 33 6.85 18.92 19.26
C ARG A 33 6.76 20.44 19.44
N PRO A 34 5.55 20.93 19.78
CA PRO A 34 5.32 22.34 20.10
C PRO A 34 5.70 22.59 21.56
N SER A 35 6.06 23.83 21.91
CA SER A 35 6.25 24.19 23.32
C SER A 35 4.88 24.46 23.96
N LYS A 36 4.73 24.07 25.22
CA LYS A 36 3.42 24.04 25.90
C LYS A 36 2.94 25.47 26.16
N SER A 37 3.85 26.32 26.62
CA SER A 37 3.54 27.66 27.08
C SER A 37 3.73 28.69 25.98
N ASN A 38 4.94 28.73 25.39
CA ASN A 38 5.37 29.79 24.48
C ASN A 38 5.10 29.37 23.04
N PRO A 39 3.96 29.81 22.43
CA PRO A 39 3.69 29.44 21.03
C PRO A 39 4.67 30.13 20.07
N GLY A 40 4.76 29.60 18.85
CA GLY A 40 5.80 29.96 17.91
C GLY A 40 7.15 29.33 18.28
N ASP A 41 7.22 28.60 19.40
CA ASP A 41 8.40 27.83 19.76
C ASP A 41 8.10 26.33 19.53
N PHE A 42 9.07 25.66 18.92
CA PHE A 42 9.01 24.24 18.63
C PHE A 42 10.34 23.60 19.06
N THR A 43 10.37 22.28 19.19
CA THR A 43 11.59 21.55 19.50
C THR A 43 11.72 20.31 18.59
N LEU A 44 12.92 20.11 18.04
CA LEU A 44 13.35 18.90 17.34
C LEU A 44 14.14 18.05 18.34
N SER A 45 13.58 16.93 18.75
CA SER A 45 14.23 15.99 19.64
C SER A 45 14.84 14.83 18.84
N VAL A 46 16.11 14.49 19.11
CA VAL A 46 16.88 13.57 18.25
C VAL A 46 17.76 12.68 19.14
N ARG A 47 17.73 11.38 18.86
CA ARG A 47 18.63 10.46 19.55
C ARG A 47 19.93 10.34 18.76
N ARG A 48 21.05 10.35 19.47
CA ARG A 48 22.37 10.06 18.89
C ARG A 48 23.29 9.58 20.00
N ASN A 49 24.08 8.53 19.73
CA ASN A 49 25.08 8.01 20.68
C ASN A 49 24.42 7.55 21.99
N GLY A 50 23.15 7.15 21.96
CA GLY A 50 22.48 6.62 23.15
C GLY A 50 21.95 7.70 24.08
N ALA A 51 21.88 8.94 23.61
CA ALA A 51 21.34 10.07 24.38
C ALA A 51 20.42 10.90 23.48
N VAL A 52 19.73 11.88 24.06
CA VAL A 52 18.80 12.77 23.32
C VAL A 52 19.30 14.23 23.39
N THR A 53 19.21 14.93 22.27
CA THR A 53 19.41 16.36 22.22
C THR A 53 18.13 17.03 21.73
N HIS A 54 17.91 18.25 22.20
CA HIS A 54 16.76 19.07 21.87
C HIS A 54 17.27 20.34 21.17
N ILE A 55 16.71 20.62 19.99
CA ILE A 55 17.12 21.75 19.17
C ILE A 55 15.89 22.65 19.04
N LYS A 56 16.04 23.93 19.38
CA LYS A 56 14.94 24.86 19.37
C LYS A 56 14.70 25.38 17.96
N ILE A 57 13.42 25.55 17.64
CA ILE A 57 12.97 26.21 16.40
C ILE A 57 12.05 27.37 16.79
N GLN A 58 12.34 28.57 16.29
CA GLN A 58 11.56 29.77 16.63
C GLN A 58 10.79 30.25 15.39
N ASN A 59 9.56 30.75 15.59
CA ASN A 59 8.80 31.44 14.51
C ASN A 59 8.02 32.62 15.11
N THR A 60 8.42 33.84 14.73
CA THR A 60 7.73 35.08 15.17
C THR A 60 6.87 35.66 14.04
N GLY A 61 6.83 34.97 12.90
CA GLY A 61 5.90 35.32 11.83
C GLY A 61 6.50 35.39 10.43
N ASP A 62 7.84 35.28 10.30
CA ASP A 62 8.43 35.32 8.96
C ASP A 62 8.94 34.00 8.35
N TYR A 63 9.32 33.05 9.20
CA TYR A 63 9.95 31.76 8.81
C TYR A 63 10.25 30.93 10.07
N TYR A 64 10.47 29.62 9.89
CA TYR A 64 10.97 28.75 10.98
C TYR A 64 12.50 28.82 11.08
N ASP A 65 13.02 29.25 12.22
CA ASP A 65 14.48 29.44 12.39
C ASP A 65 15.01 28.33 13.27
N LEU A 66 15.73 27.37 12.69
CA LEU A 66 16.33 26.25 13.45
C LEU A 66 17.68 26.72 14.00
N TYR A 67 17.90 26.65 15.31
CA TYR A 67 19.19 27.06 15.91
C TYR A 67 20.32 26.17 15.38
N GLY A 68 21.40 26.79 14.91
CA GLY A 68 22.54 26.07 14.34
C GLY A 68 22.22 25.37 13.02
N GLY A 69 21.16 25.83 12.34
CA GLY A 69 20.77 25.35 11.02
C GLY A 69 20.18 26.48 10.18
N GLU A 70 19.19 26.18 9.35
CA GLU A 70 18.74 27.13 8.34
C GLU A 70 17.31 27.60 8.63
N LYS A 71 16.81 28.47 7.78
CA LYS A 71 15.44 28.95 7.89
C LYS A 71 14.56 28.25 6.85
N PHE A 72 13.33 27.91 7.27
CA PHE A 72 12.41 27.07 6.45
C PHE A 72 11.01 27.69 6.35
N ALA A 73 10.32 27.33 5.25
CA ALA A 73 8.92 27.77 5.00
C ALA A 73 7.92 26.87 5.77
N THR A 74 8.21 25.58 5.93
CA THR A 74 7.32 24.66 6.73
C THR A 74 8.16 23.63 7.52
N LEU A 75 7.58 23.06 8.56
CA LEU A 75 8.30 22.03 9.30
C LEU A 75 8.56 20.81 8.40
N ALA A 76 7.62 20.51 7.50
CA ALA A 76 7.76 19.34 6.62
C ALA A 76 8.88 19.60 5.60
N GLU A 77 9.03 20.82 5.08
CA GLU A 77 10.14 21.14 4.15
C GLU A 77 11.48 21.04 4.91
N LEU A 78 11.49 21.35 6.20
CA LEU A 78 12.70 21.29 7.08
C LEU A 78 13.16 19.83 7.21
N VAL A 79 12.21 18.96 7.50
CA VAL A 79 12.46 17.51 7.67
C VAL A 79 12.91 16.88 6.34
N GLN A 80 12.24 17.16 5.23
CA GLN A 80 12.68 16.65 3.93
C GLN A 80 14.11 17.08 3.64
N TYR A 81 14.47 18.33 3.95
CA TYR A 81 15.82 18.85 3.60
C TYR A 81 16.89 18.02 4.33
N TYR A 82 16.75 17.81 5.63
CA TYR A 82 17.78 17.12 6.41
C TYR A 82 17.71 15.60 6.22
N MET A 83 16.58 15.03 5.80
CA MET A 83 16.53 13.56 5.51
C MET A 83 17.18 13.25 4.16
N GLU A 84 17.29 14.23 3.24
CA GLU A 84 17.99 14.03 1.94
C GLU A 84 19.35 14.75 1.92
N HIS A 85 19.87 15.13 3.10
CA HIS A 85 21.16 15.87 3.27
C HIS A 85 21.79 15.51 4.62
N HIS A 86 22.66 14.50 4.65
CA HIS A 86 23.23 14.03 5.93
C HIS A 86 24.49 14.83 6.29
N GLY A 87 24.73 14.96 7.59
CA GLY A 87 25.87 15.74 8.11
C GLY A 87 25.66 17.25 7.95
N GLN A 88 24.43 17.66 7.63
CA GLN A 88 24.14 19.04 7.29
C GLN A 88 23.76 19.81 8.57
N LEU A 89 23.17 19.11 9.55
CA LEU A 89 22.77 19.72 10.82
C LEU A 89 23.87 19.47 11.87
N LYS A 90 24.31 20.55 12.51
CA LYS A 90 25.45 20.52 13.45
C LYS A 90 25.04 21.03 14.85
N GLU A 91 25.62 20.37 15.85
CA GLU A 91 25.44 20.74 17.25
C GLU A 91 26.22 22.04 17.50
N LYS A 92 25.98 22.64 18.66
CA LYS A 92 26.79 23.77 19.16
C LYS A 92 28.28 23.36 19.21
N ASN A 93 28.56 22.11 19.59
CA ASN A 93 29.95 21.58 19.68
C ASN A 93 30.62 21.62 18.29
N GLY A 94 29.85 21.34 17.24
CA GLY A 94 30.38 21.22 15.88
C GLY A 94 30.10 19.87 15.26
N ASP A 95 29.70 18.88 16.07
CA ASP A 95 29.41 17.51 15.58
C ASP A 95 28.16 17.47 14.67
N VAL A 96 27.98 16.36 13.96
CA VAL A 96 26.87 16.22 13.00
C VAL A 96 25.69 15.54 13.70
N ILE A 97 24.49 16.01 13.35
CA ILE A 97 23.25 15.45 13.87
C ILE A 97 22.46 14.89 12.68
N GLU A 98 22.24 13.57 12.70
CA GLU A 98 21.55 12.84 11.63
C GLU A 98 20.09 12.58 12.03
N LEU A 99 19.20 12.97 11.13
CA LEU A 99 17.77 12.64 11.15
C LEU A 99 17.54 11.48 10.18
N LYS A 100 17.43 10.27 10.72
CA LYS A 100 17.31 9.05 9.93
C LYS A 100 15.88 8.46 9.99
N TYR A 101 15.27 8.32 11.18
CA TYR A 101 14.06 7.46 11.36
C TYR A 101 12.94 8.23 12.10
N PRO A 102 11.87 8.63 11.38
CA PRO A 102 10.77 9.28 12.07
C PRO A 102 10.21 8.40 13.19
N LEU A 103 9.92 8.99 14.35
CA LEU A 103 9.23 8.30 15.47
C LEU A 103 7.75 8.73 15.37
N ASN A 104 6.88 7.76 15.05
CA ASN A 104 5.50 8.07 14.64
C ASN A 104 4.59 8.28 15.87
N CYS A 105 3.62 9.18 15.69
CA CYS A 105 2.65 9.55 16.73
C CYS A 105 1.34 8.77 16.52
N ALA A 106 0.70 8.32 17.60
CA ALA A 106 -0.58 7.60 17.52
C ALA A 106 -1.75 8.59 17.68
N ASP A 107 -1.52 9.68 18.41
CA ASP A 107 -2.53 10.67 18.76
C ASP A 107 -3.28 11.07 17.48
N PRO A 108 -4.61 10.87 17.45
CA PRO A 108 -5.46 11.30 16.32
C PRO A 108 -6.13 12.68 16.36
N THR A 109 -5.87 13.51 17.37
CA THR A 109 -6.65 14.76 17.60
C THR A 109 -6.41 15.81 16.49
N SER A 110 -5.42 15.69 15.61
CA SER A 110 -5.20 16.73 14.56
C SER A 110 -5.69 16.26 13.18
N GLU A 111 -6.40 15.11 13.10
CA GLU A 111 -6.86 14.58 11.81
C GLU A 111 -8.25 15.17 11.52
N ARG A 112 -8.49 15.55 10.27
CA ARG A 112 -9.76 16.21 9.96
C ARG A 112 -10.95 15.28 10.24
N TRP A 113 -10.75 13.96 10.16
CA TRP A 113 -11.87 13.00 10.30
C TRP A 113 -12.19 12.70 11.77
N PHE A 114 -11.40 13.16 12.74
CA PHE A 114 -11.61 12.79 14.14
C PHE A 114 -12.51 13.80 14.85
N HIS A 115 -13.64 13.35 15.43
CA HIS A 115 -14.61 14.24 16.10
C HIS A 115 -14.69 13.94 17.60
N GLY A 116 -13.83 13.07 18.12
CA GLY A 116 -13.78 12.80 19.56
C GLY A 116 -15.14 12.58 20.19
N HIS A 117 -15.86 13.66 20.43
CA HIS A 117 -16.84 13.77 21.52
C HIS A 117 -18.25 13.34 21.10
N LEU A 118 -18.42 12.86 19.87
CA LEU A 118 -19.72 12.89 19.18
C LEU A 118 -20.58 11.68 19.56
N SER A 119 -21.88 11.79 19.31
CA SER A 119 -22.81 10.67 19.45
C SER A 119 -23.28 10.21 18.07
N GLY A 120 -24.04 9.12 18.02
CA GLY A 120 -24.39 8.47 16.76
C GLY A 120 -25.46 9.22 15.97
N LYS A 121 -26.47 9.76 16.67
CA LYS A 121 -27.58 10.49 16.03
C LYS A 121 -27.08 11.88 15.59
N GLU A 122 -26.24 12.51 16.42
CA GLU A 122 -25.57 13.76 16.06
C GLU A 122 -24.72 13.58 14.80
N ALA A 123 -24.00 12.46 14.72
CA ALA A 123 -23.16 12.15 13.57
C ALA A 123 -24.04 11.92 12.34
N GLU A 124 -25.19 11.27 12.54
CA GLU A 124 -26.08 11.02 11.43
C GLU A 124 -26.61 12.35 10.87
N LYS A 125 -27.03 13.24 11.76
CA LYS A 125 -27.62 14.52 11.33
C LYS A 125 -26.53 15.35 10.63
N LEU A 126 -25.31 15.37 11.16
CA LEU A 126 -24.19 16.05 10.49
C LEU A 126 -24.01 15.51 9.07
N LEU A 127 -23.87 14.20 8.93
CA LEU A 127 -23.61 13.58 7.62
C LEU A 127 -24.84 13.75 6.72
N THR A 128 -26.02 13.72 7.32
CA THR A 128 -27.27 13.92 6.59
C THR A 128 -27.30 15.32 5.95
N GLU A 129 -26.76 16.32 6.65
CA GLU A 129 -26.98 17.72 6.30
C GLU A 129 -25.79 18.29 5.52
N LYS A 130 -24.56 18.02 5.97
CA LYS A 130 -23.36 18.59 5.33
C LYS A 130 -22.63 17.56 4.46
N GLY A 131 -22.91 16.27 4.59
CA GLY A 131 -22.05 15.21 4.02
C GLY A 131 -22.55 14.72 2.68
N LYS A 132 -21.72 13.93 2.00
CA LYS A 132 -22.08 13.39 0.67
C LYS A 132 -21.51 11.98 0.52
N HIS A 133 -21.76 11.34 -0.63
CA HIS A 133 -21.23 9.99 -0.88
C HIS A 133 -19.76 9.92 -0.48
N GLY A 134 -19.42 8.96 0.39
CA GLY A 134 -18.03 8.72 0.79
C GLY A 134 -17.52 9.66 1.88
N SER A 135 -18.35 10.55 2.42
CA SER A 135 -17.98 11.39 3.58
C SER A 135 -17.93 10.53 4.84
N PHE A 136 -16.96 10.73 5.73
CA PHE A 136 -16.85 9.89 6.95
C PHE A 136 -16.31 10.68 8.14
N LEU A 137 -16.46 10.09 9.34
CA LEU A 137 -15.79 10.55 10.56
C LEU A 137 -15.47 9.35 11.47
N VAL A 138 -14.54 9.57 12.41
CA VAL A 138 -14.32 8.65 13.55
C VAL A 138 -14.66 9.38 14.85
N ARG A 139 -15.32 8.68 15.79
CA ARG A 139 -15.83 9.24 17.06
C ARG A 139 -15.73 8.18 18.17
N GLU A 140 -15.90 8.63 19.41
CA GLU A 140 -15.85 7.73 20.59
C GLU A 140 -17.19 7.02 20.73
N SER A 141 -17.14 5.79 21.25
CA SER A 141 -18.31 4.96 21.43
C SER A 141 -19.03 5.37 22.73
N GLN A 142 -20.34 5.18 22.78
CA GLN A 142 -21.10 5.57 23.96
C GLN A 142 -21.52 4.32 24.75
N SER A 143 -21.84 3.22 24.08
CA SER A 143 -22.10 1.96 24.77
C SER A 143 -20.78 1.37 25.30
N HIS A 144 -19.77 1.28 24.43
CA HIS A 144 -18.54 0.56 24.75
C HIS A 144 -17.41 1.56 25.03
N PRO A 145 -17.05 1.72 26.31
CA PRO A 145 -16.04 2.72 26.69
C PRO A 145 -14.62 2.24 26.36
N GLY A 146 -13.87 3.07 25.64
CA GLY A 146 -12.53 2.73 25.17
C GLY A 146 -12.49 2.53 23.65
N ASP A 147 -13.59 2.04 23.09
CA ASP A 147 -13.76 1.82 21.64
C ASP A 147 -14.07 3.10 20.85
N PHE A 148 -14.09 2.97 19.52
CA PHE A 148 -14.36 4.06 18.60
C PHE A 148 -15.37 3.59 17.54
N VAL A 149 -15.93 4.52 16.78
CA VAL A 149 -16.91 4.20 15.73
C VAL A 149 -16.56 4.99 14.45
N LEU A 150 -16.61 4.31 13.32
CA LEU A 150 -16.40 4.97 12.03
C LEU A 150 -17.78 5.07 11.36
N SER A 151 -18.16 6.27 10.93
CA SER A 151 -19.51 6.50 10.40
C SER A 151 -19.42 7.07 8.97
N VAL A 152 -20.22 6.55 8.03
CA VAL A 152 -19.96 6.77 6.57
C VAL A 152 -21.26 7.03 5.81
N ARG A 153 -21.35 8.12 5.05
CA ARG A 153 -22.48 8.30 4.14
C ARG A 153 -22.12 7.67 2.79
N THR A 154 -23.08 6.99 2.17
CA THR A 154 -22.92 6.47 0.82
C THR A 154 -24.22 6.71 0.05
N GLY A 155 -24.18 6.52 -1.27
CA GLY A 155 -25.37 6.59 -2.11
C GLY A 155 -25.25 7.64 -3.20
N ASP A 156 -26.39 8.02 -3.77
CA ASP A 156 -26.45 8.86 -4.94
C ASP A 156 -26.51 10.34 -4.55
N ASP A 157 -25.46 11.08 -4.88
CA ASP A 157 -25.45 12.55 -4.70
C ASP A 157 -26.38 13.24 -5.69
N LYS A 158 -26.59 12.64 -6.86
CA LYS A 158 -27.48 13.19 -7.89
C LYS A 158 -28.85 13.48 -7.28
N GLY A 159 -29.35 12.53 -6.49
CA GLY A 159 -30.65 12.68 -5.85
C GLY A 159 -30.76 13.95 -5.02
N GLU A 160 -31.99 14.41 -4.90
CA GLU A 160 -32.39 15.41 -3.92
C GLU A 160 -33.71 14.95 -3.29
N SER A 161 -34.10 15.59 -2.20
CA SER A 161 -35.21 15.11 -1.37
C SER A 161 -34.74 13.91 -0.54
N ASN A 162 -35.65 13.36 0.27
CA ASN A 162 -35.33 12.29 1.20
C ASN A 162 -35.82 10.97 0.60
N ASP A 163 -35.23 10.58 -0.52
CA ASP A 163 -35.73 9.47 -1.35
C ASP A 163 -35.38 8.06 -0.82
N GLY A 164 -34.34 7.94 0.00
CA GLY A 164 -33.88 6.64 0.52
C GLY A 164 -32.77 6.03 -0.32
N LYS A 165 -32.14 6.85 -1.15
CA LYS A 165 -31.10 6.44 -2.09
C LYS A 165 -29.71 6.62 -1.44
N SER A 166 -29.69 7.10 -0.20
CA SER A 166 -28.44 7.23 0.55
C SER A 166 -28.66 6.72 1.98
N LYS A 167 -27.57 6.40 2.65
CA LYS A 167 -27.64 5.84 4.00
C LYS A 167 -26.34 6.16 4.76
N VAL A 168 -26.44 6.08 6.09
CA VAL A 168 -25.26 6.16 6.95
C VAL A 168 -25.02 4.77 7.57
N THR A 169 -23.77 4.30 7.50
CA THR A 169 -23.36 3.01 8.05
C THR A 169 -22.36 3.23 9.21
N HIS A 170 -22.52 2.48 10.30
CA HIS A 170 -21.66 2.58 11.50
C HIS A 170 -20.84 1.28 11.70
N VAL A 171 -19.52 1.40 11.81
CA VAL A 171 -18.59 0.25 11.94
C VAL A 171 -17.81 0.38 13.26
N MET A 172 -18.12 -0.49 14.22
CA MET A 172 -17.47 -0.47 15.53
C MET A 172 -15.97 -0.75 15.34
N ILE A 173 -15.14 -0.04 16.11
CA ILE A 173 -13.67 -0.19 16.09
C ILE A 173 -13.21 -0.54 17.51
N ARG A 174 -12.72 -1.76 17.73
CA ARG A 174 -12.29 -2.17 19.07
C ARG A 174 -10.83 -1.73 19.30
N CYS A 175 -10.50 -1.44 20.54
CA CYS A 175 -9.14 -1.13 20.96
C CYS A 175 -8.71 -2.17 21.99
N GLN A 176 -7.75 -3.02 21.63
CA GLN A 176 -7.33 -4.10 22.53
C GLN A 176 -5.80 -4.02 22.68
N GLU A 177 -5.37 -3.68 23.89
CA GLU A 177 -3.96 -3.48 24.24
C GLU A 177 -3.23 -2.68 23.15
N LEU A 178 -3.69 -1.45 22.96
CA LEU A 178 -2.98 -0.39 22.23
C LEU A 178 -3.11 -0.59 20.71
N LYS A 179 -3.86 -1.59 20.27
CA LYS A 179 -4.07 -1.83 18.84
C LYS A 179 -5.56 -1.75 18.49
N TYR A 180 -5.84 -1.43 17.24
CA TYR A 180 -7.20 -1.10 16.75
C TYR A 180 -7.57 -2.03 15.59
N ASP A 181 -8.82 -2.50 15.57
CA ASP A 181 -9.29 -3.44 14.56
C ASP A 181 -10.81 -3.35 14.36
N VAL A 182 -11.30 -3.79 13.19
CA VAL A 182 -12.74 -3.74 12.88
C VAL A 182 -13.41 -5.09 13.14
N GLY A 183 -12.81 -5.96 13.95
CA GLY A 183 -13.50 -7.20 14.40
C GLY A 183 -12.88 -8.46 13.80
N GLY A 184 -11.96 -8.26 12.85
CA GLY A 184 -11.15 -9.34 12.33
C GLY A 184 -10.03 -8.81 11.44
N GLY A 185 -9.16 -9.70 10.98
CA GLY A 185 -8.07 -9.33 10.09
C GLY A 185 -6.90 -8.69 10.84
N GLU A 186 -6.47 -7.54 10.36
CA GLU A 186 -5.21 -6.90 10.78
C GLU A 186 -5.46 -5.99 12.00
N ARG A 187 -4.56 -6.06 12.98
CA ARG A 187 -4.53 -5.13 14.13
C ARG A 187 -3.53 -3.99 13.87
N PHE A 188 -3.99 -2.73 13.92
CA PHE A 188 -3.21 -1.50 13.58
C PHE A 188 -2.73 -0.74 14.83
N ASP A 189 -1.59 -0.02 14.73
CA ASP A 189 -1.01 0.67 15.92
C ASP A 189 -1.62 2.05 16.23
N SER A 190 -2.41 2.59 15.32
CA SER A 190 -3.09 3.86 15.50
C SER A 190 -4.36 3.91 14.63
N LEU A 191 -5.30 4.77 15.00
CA LEU A 191 -6.52 4.99 14.21
C LEU A 191 -6.15 5.49 12.82
N THR A 192 -5.10 6.31 12.76
CA THR A 192 -4.62 6.85 11.49
C THR A 192 -4.19 5.69 10.57
N ASP A 193 -3.43 4.73 11.09
CA ASP A 193 -3.04 3.58 10.26
C ASP A 193 -4.26 2.80 9.75
N LEU A 194 -5.26 2.64 10.63
CA LEU A 194 -6.47 1.87 10.30
C LEU A 194 -7.25 2.60 9.20
N VAL A 195 -7.45 3.92 9.35
CA VAL A 195 -8.20 4.70 8.38
C VAL A 195 -7.50 4.65 7.02
N GLU A 196 -6.16 4.73 7.03
CA GLU A 196 -5.38 4.78 5.80
C GLU A 196 -5.57 3.48 5.03
N HIS A 197 -5.53 2.38 5.76
CA HIS A 197 -5.62 1.07 5.15
C HIS A 197 -7.00 0.87 4.51
N TYR A 198 -8.08 1.25 5.20
CA TYR A 198 -9.41 0.94 4.66
C TYR A 198 -9.80 2.04 3.68
N LYS A 199 -9.06 3.15 3.68
CA LYS A 199 -9.18 4.13 2.59
C LYS A 199 -8.65 3.50 1.29
N LYS A 200 -7.55 2.78 1.37
CA LYS A 200 -6.93 2.13 0.20
C LYS A 200 -7.71 0.86 -0.17
N ASN A 201 -8.17 0.11 0.83
CA ASN A 201 -8.77 -1.22 0.63
C ASN A 201 -10.16 -1.25 1.25
N PRO A 202 -11.12 -0.52 0.63
CA PRO A 202 -12.45 -0.27 1.21
C PRO A 202 -13.20 -1.54 1.63
N MET A 203 -13.92 -1.46 2.77
CA MET A 203 -14.74 -2.57 3.26
C MET A 203 -15.95 -2.75 2.33
N VAL A 204 -16.33 -4.00 2.10
CA VAL A 204 -17.53 -4.32 1.33
C VAL A 204 -18.52 -5.03 2.28
N GLU A 205 -19.81 -4.81 2.06
CA GLU A 205 -20.85 -5.45 2.86
C GLU A 205 -21.25 -6.78 2.20
N THR A 206 -21.96 -7.60 2.97
CA THR A 206 -22.39 -8.91 2.51
C THR A 206 -23.18 -8.77 1.20
N LEU A 207 -23.84 -7.62 0.99
CA LEU A 207 -24.79 -7.53 -0.12
C LEU A 207 -24.26 -6.63 -1.22
N GLY A 208 -23.11 -5.97 -1.04
CA GLY A 208 -22.40 -5.36 -2.16
C GLY A 208 -21.96 -3.94 -1.90
N THR A 209 -22.67 -3.18 -1.05
CA THR A 209 -22.28 -1.77 -0.85
C THR A 209 -20.79 -1.71 -0.46
N VAL A 210 -20.07 -0.79 -1.10
CA VAL A 210 -18.64 -0.58 -0.85
C VAL A 210 -18.51 0.68 0.02
N LEU A 211 -17.90 0.55 1.21
CA LEU A 211 -17.86 1.67 2.16
C LEU A 211 -16.64 2.55 1.89
N GLN A 212 -16.69 3.28 0.77
CA GLN A 212 -15.58 4.10 0.31
C GLN A 212 -15.43 5.30 1.25
N LEU A 213 -14.19 5.56 1.69
CA LEU A 213 -13.88 6.72 2.53
C LEU A 213 -13.26 7.82 1.65
N LYS A 214 -14.11 8.70 1.11
CA LYS A 214 -13.68 9.58 0.00
C LYS A 214 -13.18 10.93 0.54
N GLN A 215 -13.77 11.46 1.62
CA GLN A 215 -13.33 12.75 2.20
C GLN A 215 -13.92 12.91 3.62
N PRO A 216 -13.21 13.63 4.51
CA PRO A 216 -13.79 13.87 5.83
C PRO A 216 -14.99 14.82 5.72
N LEU A 217 -15.75 14.95 6.81
CA LEU A 217 -16.85 15.90 6.85
C LEU A 217 -16.30 17.31 7.09
N ASN A 218 -16.84 18.30 6.38
CA ASN A 218 -16.43 19.69 6.52
C ASN A 218 -17.09 20.31 7.76
N THR A 219 -16.30 20.88 8.66
CA THR A 219 -16.82 21.53 9.88
C THR A 219 -16.24 22.95 10.05
N THR A 220 -15.63 23.50 9.00
CA THR A 220 -14.99 24.82 9.10
C THR A 220 -15.76 25.88 8.30
N ARG A 221 -16.56 25.48 7.31
CA ARG A 221 -17.33 26.44 6.49
C ARG A 221 -18.43 27.14 7.33
N ILE A 222 -18.52 28.49 7.30
CA ILE A 222 -19.59 29.22 8.04
C ILE A 222 -20.24 30.25 7.13
N ASN A 223 -21.46 30.66 7.50
CA ASN A 223 -22.07 31.88 6.97
C ASN A 223 -21.39 33.09 7.60
N ALA A 224 -20.92 34.01 6.76
CA ALA A 224 -20.09 35.10 7.21
C ALA A 224 -20.77 35.91 8.31
N ALA A 225 -22.11 35.96 8.31
CA ALA A 225 -22.87 36.72 9.33
C ALA A 225 -22.82 36.03 10.70
N GLU A 226 -22.43 34.76 10.75
CA GLU A 226 -22.32 34.01 12.02
C GLU A 226 -20.87 34.06 12.54
N ILE A 227 -20.02 34.89 11.93
CA ILE A 227 -18.57 34.96 12.26
C ILE A 227 -18.39 35.15 13.78
N GLU A 228 -19.19 36.02 14.38
CA GLU A 228 -19.07 36.37 15.79
C GLU A 228 -19.24 35.12 16.67
N SER A 229 -20.18 34.25 16.33
CA SER A 229 -20.47 33.02 17.09
C SER A 229 -19.28 32.03 17.03
N ARG A 230 -18.69 31.89 15.85
CA ARG A 230 -17.57 30.97 15.65
C ARG A 230 -16.35 31.49 16.43
N VAL A 231 -16.12 32.80 16.40
CA VAL A 231 -14.95 33.40 17.07
C VAL A 231 -15.10 33.27 18.59
N ARG A 232 -16.27 33.58 19.13
CA ARG A 232 -16.57 33.33 20.58
C ARG A 232 -16.24 31.88 20.94
N GLU A 233 -16.68 30.95 20.10
CA GLU A 233 -16.52 29.52 20.33
C GLU A 233 -15.05 29.09 20.19
N LEU A 234 -14.34 29.54 19.16
CA LEU A 234 -12.92 29.18 18.96
C LEU A 234 -12.06 29.80 20.07
N SER A 235 -12.54 30.85 20.74
CA SER A 235 -11.76 31.53 21.78
C SER A 235 -11.73 30.75 23.10
N LYS A 236 -12.44 29.63 23.25
CA LYS A 236 -12.53 28.95 24.57
C LYS A 236 -12.30 27.44 24.42
N GLY A 247 -10.27 25.20 20.14
CA GLY A 247 -10.09 26.62 19.88
C GLY A 247 -9.23 26.87 18.64
N PHE A 248 -8.74 28.11 18.53
CA PHE A 248 -7.94 28.57 17.39
C PHE A 248 -6.69 27.69 17.23
N TRP A 249 -6.08 27.23 18.33
CA TRP A 249 -4.85 26.41 18.27
C TRP A 249 -5.15 25.06 17.62
N GLU A 250 -6.19 24.36 18.10
CA GLU A 250 -6.52 23.01 17.58
C GLU A 250 -6.85 23.08 16.08
N GLU A 251 -7.66 24.06 15.67
CA GLU A 251 -8.00 24.23 14.24
C GLU A 251 -6.74 24.53 13.43
N PHE A 252 -5.86 25.39 13.96
CA PHE A 252 -4.64 25.73 13.25
C PHE A 252 -3.77 24.48 13.04
N GLU A 253 -3.63 23.65 14.07
CA GLU A 253 -2.66 22.55 14.01
C GLU A 253 -3.20 21.44 13.09
N THR A 254 -4.52 21.34 12.99
CA THR A 254 -5.18 20.44 12.04
C THR A 254 -4.82 20.86 10.61
N LEU A 255 -4.93 22.16 10.33
CA LEU A 255 -4.52 22.72 9.02
C LEU A 255 -3.04 22.39 8.76
N GLN A 256 -2.17 22.62 9.74
CA GLN A 256 -0.71 22.34 9.60
C GLN A 256 -0.44 20.86 9.27
N GLN A 257 -1.27 19.95 9.77
CA GLN A 257 -1.07 18.52 9.47
C GLN A 257 -1.17 18.25 7.96
N GLN A 258 -1.93 19.06 7.22
CA GLN A 258 -2.15 18.85 5.78
C GLN A 258 -0.99 19.39 4.91
N GLU A 259 0.12 19.86 5.51
CA GLU A 259 1.20 20.56 4.74
C GLU A 259 2.09 19.53 4.03
N CYS A 260 2.00 18.25 4.42
CA CYS A 260 2.75 17.15 3.80
CA CYS A 260 2.81 17.17 3.78
C CYS A 260 2.25 16.86 2.37
N LYS A 261 1.01 17.24 2.08
CA LYS A 261 0.45 17.11 0.71
C LYS A 261 1.04 18.16 -0.25
N LEU A 262 1.85 19.11 0.23
CA LEU A 262 2.19 20.29 -0.60
C LEU A 262 3.70 20.40 -0.90
N LEU A 263 4.43 19.28 -0.94
CA LEU A 263 5.88 19.35 -1.15
C LEU A 263 6.21 19.34 -2.65
N TYR A 264 5.67 20.28 -3.39
CA TYR A 264 5.90 20.34 -4.82
C TYR A 264 7.35 20.76 -5.10
N SER A 265 7.79 20.48 -6.31
CA SER A 265 9.16 20.69 -6.68
C SER A 265 9.47 22.18 -6.82
N ARG A 266 10.73 22.49 -6.49
CA ARG A 266 11.32 23.83 -6.48
C ARG A 266 12.69 23.79 -7.18
N LYS A 267 12.82 23.10 -8.32
CA LYS A 267 14.14 22.86 -8.91
C LYS A 267 14.76 24.14 -9.49
N GLU A 268 13.99 25.03 -10.10
CA GLU A 268 14.62 26.18 -10.76
C GLU A 268 15.32 27.05 -9.71
N GLY A 269 14.70 27.17 -8.52
CA GLY A 269 15.31 27.92 -7.41
C GLY A 269 16.56 27.25 -6.85
N GLN A 270 16.62 25.93 -6.93
CA GLN A 270 17.74 25.14 -6.41
C GLN A 270 18.94 25.15 -7.37
N ARG A 271 18.86 25.79 -8.56
CA ARG A 271 19.99 25.80 -9.51
C ARG A 271 21.11 26.74 -9.07
N GLN A 272 22.33 26.36 -9.43
CA GLN A 272 23.57 27.07 -9.05
C GLN A 272 23.46 28.52 -9.46
N GLU A 273 23.08 28.73 -10.72
CA GLU A 273 22.97 30.05 -11.34
C GLU A 273 21.99 30.94 -10.56
N ASN A 274 21.12 30.33 -9.75
CA ASN A 274 20.00 31.09 -9.15
C ASN A 274 20.22 31.29 -7.64
N LYS A 275 21.22 30.65 -7.05
CA LYS A 275 21.44 30.57 -5.59
C LYS A 275 21.49 31.96 -4.95
N ASN A 276 22.15 32.97 -5.51
CA ASN A 276 22.22 34.23 -4.75
C ASN A 276 21.14 35.20 -5.23
N LYS A 277 20.03 34.68 -5.75
CA LYS A 277 18.85 35.49 -6.01
C LYS A 277 17.77 35.22 -4.93
N ASN A 278 18.10 34.44 -3.93
CA ASN A 278 17.16 33.98 -2.91
C ASN A 278 17.59 34.64 -1.58
N ARG A 279 16.69 35.34 -0.89
CA ARG A 279 17.04 35.91 0.44
C ARG A 279 17.53 34.78 1.36
N TYR A 280 16.77 33.69 1.43
CA TYR A 280 17.14 32.51 2.24
C TYR A 280 17.20 31.27 1.32
N LYS A 281 18.28 30.48 1.41
CA LYS A 281 18.59 29.46 0.37
C LYS A 281 17.53 28.34 0.26
N ASN A 282 16.76 28.05 1.32
CA ASN A 282 15.77 26.96 1.31
C ASN A 282 14.32 27.48 1.26
N ILE A 283 14.14 28.79 1.13
CA ILE A 283 12.79 29.33 0.92
C ILE A 283 12.68 29.74 -0.55
N LEU A 284 11.96 28.92 -1.32
CA LEU A 284 12.04 28.94 -2.78
C LEU A 284 10.64 28.83 -3.40
N PRO A 285 10.46 29.36 -4.61
CA PRO A 285 9.16 29.27 -5.29
C PRO A 285 8.92 27.91 -5.97
N PHE A 286 7.70 27.41 -5.86
CA PHE A 286 7.31 26.21 -6.60
C PHE A 286 7.51 26.45 -8.10
N ASP A 287 7.99 25.42 -8.81
CA ASP A 287 8.14 25.46 -10.25
C ASP A 287 6.83 25.75 -11.01
N HIS A 288 5.72 25.17 -10.55
CA HIS A 288 4.50 25.18 -11.36
C HIS A 288 3.84 26.57 -11.33
N THR A 289 4.17 27.43 -10.37
CA THR A 289 3.54 28.77 -10.25
C THR A 289 4.56 29.93 -10.27
N ARG A 290 5.85 29.67 -10.48
CA ARG A 290 6.91 30.71 -10.41
C ARG A 290 6.69 31.76 -11.52
N VAL A 291 7.04 33.02 -11.25
CA VAL A 291 6.97 34.06 -12.28
C VAL A 291 8.17 33.91 -13.24
N VAL A 292 7.91 33.61 -14.52
CA VAL A 292 8.99 33.43 -15.52
C VAL A 292 9.26 34.76 -16.24
N LEU A 293 10.54 35.20 -16.23
CA LEU A 293 10.93 36.49 -16.79
C LEU A 293 11.46 36.26 -18.21
N HIS A 294 10.92 37.00 -19.20
CA HIS A 294 11.34 36.90 -20.60
C HIS A 294 12.15 38.16 -20.96
N ASP A 295 12.72 38.18 -22.16
CA ASP A 295 13.44 39.35 -22.70
C ASP A 295 14.71 39.77 -21.95
N GLY A 296 15.43 38.82 -21.38
CA GLY A 296 16.60 39.14 -20.58
C GLY A 296 17.83 39.45 -21.41
N ASP A 297 18.90 39.77 -20.70
CA ASP A 297 20.23 39.94 -21.27
C ASP A 297 20.70 38.61 -21.88
N PRO A 298 20.96 38.57 -23.21
CA PRO A 298 21.51 37.35 -23.85
C PRO A 298 22.75 36.79 -23.13
N ASN A 299 23.68 37.67 -22.70
CA ASN A 299 24.97 37.25 -22.08
C ASN A 299 24.73 36.51 -20.75
N GLU A 300 23.90 37.09 -19.89
CA GLU A 300 23.52 36.45 -18.61
C GLU A 300 23.13 34.99 -18.89
N PRO A 301 23.72 34.04 -18.13
CA PRO A 301 23.45 32.63 -18.41
C PRO A 301 21.95 32.33 -18.22
N VAL A 302 21.44 32.65 -17.02
CA VAL A 302 20.04 32.44 -16.62
C VAL A 302 19.44 33.79 -16.21
N SER A 303 18.62 34.36 -17.10
CA SER A 303 17.99 35.67 -16.87
C SER A 303 16.49 35.51 -16.59
N ASP A 304 16.00 34.28 -16.35
CA ASP A 304 14.55 34.02 -16.27
C ASP A 304 13.94 33.80 -14.85
N TYR A 305 14.76 33.98 -13.80
CA TYR A 305 14.38 33.61 -12.44
C TYR A 305 14.18 34.84 -11.54
N ILE A 306 13.12 34.77 -10.75
CA ILE A 306 12.92 35.61 -9.56
C ILE A 306 12.14 34.79 -8.51
N ASN A 307 12.46 35.02 -7.23
CA ASN A 307 11.78 34.35 -6.11
C ASN A 307 10.41 35.02 -5.90
N ALA A 308 9.45 34.55 -6.69
CA ALA A 308 8.11 35.09 -6.80
C ALA A 308 7.15 34.01 -7.35
N ASN A 309 5.91 33.94 -6.83
CA ASN A 309 4.83 33.06 -7.37
C ASN A 309 3.53 33.86 -7.68
N ILE A 310 2.85 33.50 -8.77
CA ILE A 310 1.46 33.94 -9.05
C ILE A 310 0.52 33.21 -8.08
N ILE A 311 -0.35 33.98 -7.40
CA ILE A 311 -1.40 33.46 -6.54
C ILE A 311 -2.78 33.75 -7.20
N MET A 312 -3.47 32.68 -7.61
CA MET A 312 -4.83 32.76 -8.24
C MET A 312 -5.87 32.25 -7.22
N PRO A 313 -6.89 33.06 -6.88
CA PRO A 313 -7.93 32.45 -6.04
C PRO A 313 -8.71 31.38 -6.83
N GLU A 314 -9.10 30.29 -6.18
CA GLU A 314 -9.80 29.18 -6.87
C GLU A 314 -10.43 28.26 -5.81
N LYS A 325 -11.53 37.76 -9.89
CA LYS A 325 -10.77 37.96 -11.11
C LYS A 325 -9.43 38.64 -10.77
N LYS A 326 -9.28 39.08 -9.51
CA LYS A 326 -8.05 39.73 -9.06
C LYS A 326 -7.03 38.64 -8.70
N SER A 327 -5.83 38.73 -9.24
CA SER A 327 -4.75 37.79 -8.84
C SER A 327 -3.62 38.59 -8.14
N TYR A 328 -2.62 37.89 -7.58
CA TYR A 328 -1.54 38.51 -6.81
C TYR A 328 -0.19 37.92 -7.22
N ILE A 329 0.90 38.66 -7.02
CA ILE A 329 2.25 38.09 -7.02
C ILE A 329 2.83 38.20 -5.61
N ALA A 330 3.13 37.04 -4.99
CA ALA A 330 3.74 37.01 -3.68
C ALA A 330 5.26 36.88 -3.86
N THR A 331 6.02 37.79 -3.28
CA THR A 331 7.47 37.79 -3.53
C THR A 331 8.22 38.26 -2.28
N GLN A 332 9.55 38.12 -2.33
CA GLN A 332 10.47 38.51 -1.24
C GLN A 332 10.88 39.98 -1.38
N GLY A 333 11.42 40.55 -0.30
CA GLY A 333 12.15 41.83 -0.39
C GLY A 333 13.34 41.74 -1.32
N CYS A 334 13.59 42.79 -2.11
CA CYS A 334 14.73 42.78 -3.03
C CYS A 334 16.04 42.62 -2.28
N LEU A 335 16.98 41.93 -2.95
CA LEU A 335 18.40 42.03 -2.70
C LEU A 335 18.98 43.10 -3.64
N GLN A 336 20.18 43.56 -3.32
CA GLN A 336 20.88 44.56 -4.15
C GLN A 336 20.97 44.05 -5.60
N ASN A 337 21.27 42.76 -5.78
CA ASN A 337 21.46 42.18 -7.11
C ASN A 337 20.13 41.68 -7.71
N THR A 338 18.94 41.98 -7.15
CA THR A 338 17.64 41.58 -7.78
C THR A 338 16.69 42.78 -8.02
N VAL A 339 17.10 44.01 -7.72
CA VAL A 339 16.26 45.21 -7.95
C VAL A 339 15.88 45.35 -9.44
N ASN A 340 16.81 45.17 -10.36
CA ASN A 340 16.51 45.22 -11.80
C ASN A 340 15.48 44.13 -12.19
N ASP A 341 15.66 42.92 -11.67
CA ASP A 341 14.71 41.84 -11.93
C ASP A 341 13.29 42.17 -11.39
N PHE A 342 13.22 42.77 -10.20
CA PHE A 342 11.92 43.18 -9.64
C PHE A 342 11.18 44.11 -10.63
N TRP A 343 11.85 45.13 -11.16
CA TRP A 343 11.20 46.07 -12.10
C TRP A 343 10.91 45.40 -13.46
N ARG A 344 11.79 44.51 -13.95
CA ARG A 344 11.43 43.68 -15.14
C ARG A 344 10.07 43.00 -14.90
N MET A 345 9.88 42.43 -13.71
CA MET A 345 8.66 41.67 -13.38
C MET A 345 7.45 42.59 -13.38
N VAL A 346 7.56 43.74 -12.71
CA VAL A 346 6.41 44.64 -12.59
C VAL A 346 5.98 45.08 -14.00
N PHE A 347 6.95 45.38 -14.85
CA PHE A 347 6.67 45.87 -16.21
C PHE A 347 6.02 44.75 -17.03
N GLN A 348 6.62 43.58 -17.05
CA GLN A 348 6.17 42.46 -17.91
C GLN A 348 4.74 42.05 -17.52
N GLU A 349 4.45 41.95 -16.22
CA GLU A 349 3.16 41.47 -15.73
C GLU A 349 2.09 42.58 -15.75
N ASN A 350 2.45 43.82 -16.09
CA ASN A 350 1.51 44.96 -16.19
C ASN A 350 0.90 45.33 -14.82
N SER A 351 1.60 45.00 -13.72
CA SER A 351 1.18 45.34 -12.36
C SER A 351 1.15 46.86 -12.17
N ARG A 352 0.11 47.34 -11.48
CA ARG A 352 -0.09 48.76 -11.25
C ARG A 352 -0.14 49.11 -9.75
N VAL A 353 -0.09 48.11 -8.87
CA VAL A 353 -0.16 48.34 -7.41
C VAL A 353 0.82 47.38 -6.72
N ILE A 354 1.60 47.91 -5.76
CA ILE A 354 2.59 47.18 -4.93
C ILE A 354 2.22 47.43 -3.47
N VAL A 355 2.10 46.35 -2.70
CA VAL A 355 1.94 46.35 -1.26
C VAL A 355 3.25 45.87 -0.60
N MET A 356 3.71 46.66 0.35
CA MET A 356 4.97 46.44 1.09
C MET A 356 4.62 46.31 2.57
N THR A 357 5.02 45.19 3.21
CA THR A 357 4.54 44.83 4.56
C THR A 357 5.67 44.91 5.60
N THR A 358 6.80 45.53 5.31
CA THR A 358 7.84 45.73 6.32
C THR A 358 8.44 47.13 6.17
N LYS A 359 9.01 47.63 7.27
CA LYS A 359 9.94 48.74 7.20
C LYS A 359 11.19 48.25 6.44
N GLU A 360 12.02 49.15 5.94
CA GLU A 360 13.27 48.73 5.27
C GLU A 360 14.20 48.03 6.27
N VAL A 361 14.15 48.51 7.51
CA VAL A 361 15.00 48.01 8.60
C VAL A 361 14.09 47.78 9.81
N GLU A 362 14.21 46.60 10.44
CA GLU A 362 13.55 46.28 11.74
C GLU A 362 14.58 45.57 12.62
N ARG A 363 14.68 45.94 13.90
CA ARG A 363 15.63 45.34 14.88
C ARG A 363 17.08 45.44 14.36
N GLY A 364 17.38 46.47 13.59
CA GLY A 364 18.75 46.71 13.12
C GLY A 364 19.15 45.87 11.92
N LYS A 365 18.24 45.10 11.32
CA LYS A 365 18.60 44.28 10.15
C LYS A 365 17.73 44.67 8.95
N SER A 366 18.37 44.62 7.76
CA SER A 366 17.76 44.95 6.48
C SER A 366 16.67 43.91 6.14
N LYS A 367 15.45 44.38 5.91
CA LYS A 367 14.29 43.54 5.62
C LYS A 367 13.81 43.75 4.17
N CYS A 368 13.77 45.00 3.68
CA CYS A 368 13.60 45.22 2.19
CA CYS A 368 13.50 45.33 2.29
C CYS A 368 14.46 46.42 1.79
N VAL A 369 15.32 46.12 0.81
CA VAL A 369 16.22 47.10 0.21
C VAL A 369 15.39 48.19 -0.49
N LYS A 370 15.82 49.45 -0.38
CA LYS A 370 15.16 50.56 -1.05
C LYS A 370 15.39 50.46 -2.57
N TYR A 371 14.28 50.25 -3.30
CA TYR A 371 14.28 49.98 -4.74
C TYR A 371 13.50 51.05 -5.51
N TRP A 372 13.20 52.18 -4.86
CA TRP A 372 12.44 53.28 -5.44
C TRP A 372 13.28 54.56 -5.26
N PRO A 373 13.07 55.58 -6.09
CA PRO A 373 13.81 56.84 -5.91
C PRO A 373 13.19 57.72 -4.82
N ASP A 374 13.98 58.61 -4.22
CA ASP A 374 13.50 59.71 -3.33
C ASP A 374 12.42 60.54 -4.00
N GLU A 375 11.60 61.25 -3.23
CA GLU A 375 10.46 62.04 -3.78
C GLU A 375 11.00 63.08 -4.78
N TYR A 376 10.34 63.19 -5.93
CA TYR A 376 10.70 64.12 -7.06
C TYR A 376 11.98 63.68 -7.79
N ALA A 377 12.64 62.59 -7.41
CA ALA A 377 13.84 62.15 -8.14
C ALA A 377 13.47 61.10 -9.19
N LEU A 378 14.46 60.76 -10.02
CA LEU A 378 14.32 59.90 -11.18
C LEU A 378 15.56 58.99 -11.24
N LYS A 379 15.36 57.67 -11.46
CA LYS A 379 16.49 56.72 -11.47
C LYS A 379 16.31 55.63 -12.54
N GLU A 380 17.41 55.18 -13.13
CA GLU A 380 17.42 54.04 -14.04
C GLU A 380 17.89 52.78 -13.29
N TYR A 381 17.10 51.72 -13.43
CA TYR A 381 17.37 50.40 -12.91
C TYR A 381 17.46 49.43 -14.09
N GLY A 382 18.65 49.19 -14.60
CA GLY A 382 18.78 48.44 -15.87
C GLY A 382 18.08 49.18 -17.00
N VAL A 383 17.24 48.50 -17.76
CA VAL A 383 16.54 49.14 -18.90
C VAL A 383 15.27 49.86 -18.45
N MET A 384 14.95 49.85 -17.15
CA MET A 384 13.72 50.44 -16.63
C MET A 384 13.99 51.80 -15.94
N ARG A 385 13.10 52.76 -16.17
CA ARG A 385 13.19 54.10 -15.62
C ARG A 385 12.02 54.29 -14.65
N VAL A 386 12.28 54.86 -13.46
CA VAL A 386 11.21 55.11 -12.42
C VAL A 386 11.34 56.57 -11.92
N ARG A 387 10.26 57.34 -12.00
CA ARG A 387 10.15 58.66 -11.32
C ARG A 387 9.23 58.59 -10.08
N ASN A 388 9.69 59.09 -8.92
CA ASN A 388 8.79 59.29 -7.74
C ASN A 388 8.14 60.68 -7.86
N VAL A 389 6.86 60.68 -8.25
CA VAL A 389 6.11 61.90 -8.53
C VAL A 389 5.69 62.58 -7.22
N LYS A 390 5.24 61.81 -6.23
CA LYS A 390 4.67 62.39 -5.02
C LYS A 390 4.48 61.28 -3.97
N GLU A 391 4.82 61.60 -2.73
CA GLU A 391 4.54 60.77 -1.54
C GLU A 391 3.45 61.45 -0.70
N SER A 392 2.55 60.65 -0.12
CA SER A 392 1.52 61.13 0.82
C SER A 392 1.57 60.24 2.07
N ALA A 393 1.56 60.85 3.25
CA ALA A 393 1.71 60.11 4.48
C ALA A 393 0.33 59.94 5.15
N ALA A 394 -0.04 58.70 5.45
CA ALA A 394 -1.23 58.41 6.25
C ALA A 394 -0.79 57.88 7.62
N HIS A 395 -1.74 57.60 8.52
CA HIS A 395 -1.42 57.20 9.89
C HIS A 395 -0.64 55.88 9.93
N ASP A 396 -1.07 54.90 9.13
CA ASP A 396 -0.48 53.54 9.16
C ASP A 396 0.48 53.25 7.98
N TYR A 397 0.45 54.10 6.94
CA TYR A 397 1.16 53.83 5.69
C TYR A 397 1.56 55.13 5.01
N THR A 398 2.48 55.00 4.06
CA THR A 398 2.85 56.02 3.09
C THR A 398 2.51 55.53 1.68
N LEU A 399 1.92 56.39 0.86
CA LEU A 399 1.67 56.12 -0.55
C LEU A 399 2.71 56.87 -1.41
N ARG A 400 3.34 56.19 -2.37
CA ARG A 400 4.30 56.78 -3.30
C ARG A 400 3.76 56.59 -4.72
N GLU A 401 3.64 57.69 -5.46
CA GLU A 401 3.14 57.66 -6.83
C GLU A 401 4.34 57.53 -7.78
N LEU A 402 4.56 56.34 -8.34
CA LEU A 402 5.73 56.09 -9.18
C LEU A 402 5.34 56.04 -10.67
N LYS A 403 6.24 56.46 -11.55
CA LYS A 403 6.00 56.28 -12.99
C LYS A 403 7.11 55.41 -13.58
N LEU A 404 6.71 54.32 -14.25
CA LEU A 404 7.61 53.26 -14.76
C LEU A 404 7.55 53.23 -16.28
N SER A 405 8.71 53.17 -16.92
CA SER A 405 8.81 53.15 -18.36
C SER A 405 10.10 52.44 -18.76
N LYS A 406 10.14 51.93 -20.00
CA LYS A 406 11.34 51.38 -20.56
C LYS A 406 12.17 52.50 -21.20
N VAL A 407 13.44 52.60 -20.84
CA VAL A 407 14.37 53.53 -21.50
C VAL A 407 14.31 53.34 -23.02
N GLY A 408 14.37 54.47 -23.74
CA GLY A 408 14.32 54.49 -25.19
C GLY A 408 12.91 54.47 -25.78
N GLN A 409 11.85 54.38 -24.97
CA GLN A 409 10.48 54.15 -25.49
C GLN A 409 9.44 54.87 -24.63
N GLY A 410 9.14 56.12 -24.99
CA GLY A 410 8.32 57.03 -24.19
C GLY A 410 6.91 56.51 -23.95
N ASN A 411 6.33 55.91 -25.00
CA ASN A 411 4.94 55.48 -24.97
C ASN A 411 4.71 54.31 -23.99
N THR A 412 5.71 53.81 -23.26
CA THR A 412 5.49 52.67 -22.37
C THR A 412 5.13 53.10 -20.93
N GLU A 413 5.11 54.42 -20.65
CA GLU A 413 4.97 54.89 -19.27
C GLU A 413 3.62 54.45 -18.67
N ARG A 414 3.61 53.95 -17.43
CA ARG A 414 2.37 53.73 -16.69
C ARG A 414 2.61 54.07 -15.22
N THR A 415 1.56 54.48 -14.51
CA THR A 415 1.66 54.76 -13.08
C THR A 415 1.57 53.45 -12.28
N VAL A 416 2.52 53.30 -11.36
CA VAL A 416 2.50 52.24 -10.36
C VAL A 416 2.35 52.88 -8.99
N TRP A 417 1.32 52.53 -8.22
CA TRP A 417 1.04 53.09 -6.90
C TRP A 417 1.59 52.17 -5.79
N GLN A 418 2.52 52.66 -4.97
CA GLN A 418 3.19 51.84 -3.93
C GLN A 418 2.63 52.17 -2.55
N TYR A 419 1.96 51.20 -1.91
CA TYR A 419 1.39 51.35 -0.56
C TYR A 419 2.29 50.66 0.47
N HIS A 420 2.96 51.47 1.29
CA HIS A 420 4.00 50.99 2.24
C HIS A 420 3.43 51.01 3.65
N PHE A 421 2.98 49.84 4.13
CA PHE A 421 2.52 49.67 5.50
C PHE A 421 3.71 49.71 6.49
N ARG A 422 3.66 50.66 7.42
CA ARG A 422 4.83 51.03 8.26
C ARG A 422 4.64 50.65 9.74
N THR A 423 3.44 50.32 10.23
CA THR A 423 3.22 50.21 11.68
C THR A 423 3.05 48.74 12.12
N TRP A 424 3.33 47.76 11.26
CA TRP A 424 3.24 46.38 11.73
C TRP A 424 4.30 46.16 12.84
N PRO A 425 3.93 45.55 13.97
CA PRO A 425 4.87 45.31 15.08
C PRO A 425 6.06 44.39 14.71
N ASP A 426 7.17 44.54 15.42
CA ASP A 426 8.40 43.82 15.06
C ASP A 426 8.19 42.31 15.15
N HIS A 427 7.51 41.87 16.21
CA HIS A 427 7.12 40.46 16.42
C HIS A 427 5.61 40.38 16.66
N GLY A 428 4.95 39.29 16.29
CA GLY A 428 3.51 39.21 16.54
C GLY A 428 2.70 39.88 15.44
N VAL A 429 1.48 40.28 15.81
CA VAL A 429 0.50 40.84 14.86
C VAL A 429 -0.14 42.06 15.55
N PRO A 430 -0.74 42.99 14.79
CA PRO A 430 -1.39 44.12 15.48
C PRO A 430 -2.53 43.66 16.39
N SER A 431 -2.77 44.39 17.48
CA SER A 431 -3.81 43.97 18.43
C SER A 431 -5.18 44.48 17.98
N ASP A 432 -5.23 45.30 16.93
CA ASP A 432 -6.50 45.64 16.29
C ASP A 432 -6.36 45.66 14.76
N PRO A 433 -7.34 45.08 14.03
CA PRO A 433 -7.26 44.99 12.57
C PRO A 433 -7.69 46.21 11.74
N GLY A 434 -8.22 47.27 12.36
CA GLY A 434 -8.81 48.41 11.62
C GLY A 434 -7.86 49.05 10.61
N GLY A 435 -6.62 49.30 11.01
CA GLY A 435 -5.63 49.89 10.15
C GLY A 435 -5.30 49.00 8.95
N VAL A 436 -5.26 47.68 9.13
CA VAL A 436 -4.98 46.76 8.03
C VAL A 436 -6.18 46.86 7.05
N LEU A 437 -7.40 46.86 7.56
CA LEU A 437 -8.60 46.78 6.70
C LEU A 437 -8.80 48.08 5.92
N ASP A 438 -8.66 49.23 6.56
CA ASP A 438 -8.69 50.53 5.82
C ASP A 438 -7.64 50.60 4.69
N PHE A 439 -6.44 50.09 5.00
CA PHE A 439 -5.33 49.98 4.06
C PHE A 439 -5.74 49.11 2.85
N LEU A 440 -6.28 47.93 3.10
CA LEU A 440 -6.61 47.00 2.01
C LEU A 440 -7.79 47.54 1.19
N GLU A 441 -8.70 48.28 1.83
CA GLU A 441 -9.87 48.85 1.14
C GLU A 441 -9.41 49.90 0.12
N GLU A 442 -8.35 50.63 0.47
CA GLU A 442 -7.81 51.69 -0.38
C GLU A 442 -7.05 51.06 -1.56
N VAL A 443 -6.25 50.01 -1.27
CA VAL A 443 -5.52 49.20 -2.29
C VAL A 443 -6.50 48.61 -3.32
N HIS A 444 -7.66 48.15 -2.85
CA HIS A 444 -8.67 47.50 -3.68
C HIS A 444 -9.31 48.49 -4.65
N HIS A 445 -9.61 49.70 -4.15
CA HIS A 445 -10.29 50.69 -4.99
C HIS A 445 -9.34 51.25 -6.07
N LYS A 446 -8.08 51.40 -5.75
CA LYS A 446 -7.05 51.85 -6.71
C LYS A 446 -6.93 50.83 -7.84
N GLN A 447 -6.74 49.56 -7.47
CA GLN A 447 -6.61 48.44 -8.43
C GLN A 447 -7.83 48.42 -9.35
N GLU A 448 -9.01 48.59 -8.78
CA GLU A 448 -10.25 48.47 -9.57
C GLU A 448 -10.46 49.69 -10.49
N SER A 449 -9.75 50.79 -10.24
CA SER A 449 -9.91 52.03 -11.02
C SER A 449 -9.10 51.95 -12.33
N ILE A 450 -8.27 50.91 -12.51
CA ILE A 450 -7.33 50.88 -13.62
C ILE A 450 -7.72 49.74 -14.55
N MET A 451 -8.15 50.10 -15.77
CA MET A 451 -8.59 49.13 -16.80
C MET A 451 -7.40 48.19 -17.12
N ASP A 452 -7.67 46.89 -17.13
CA ASP A 452 -6.67 45.84 -17.45
C ASP A 452 -5.39 45.81 -16.60
N ALA A 453 -5.44 46.32 -15.36
CA ALA A 453 -4.29 46.20 -14.46
C ALA A 453 -3.94 44.72 -14.28
N GLY A 454 -2.65 44.42 -14.18
CA GLY A 454 -2.21 43.07 -13.83
C GLY A 454 -2.28 42.82 -12.33
N PRO A 455 -1.69 41.72 -11.88
CA PRO A 455 -1.77 41.31 -10.48
C PRO A 455 -1.16 42.29 -9.47
N VAL A 456 -1.75 42.35 -8.28
CA VAL A 456 -1.20 43.17 -7.20
C VAL A 456 0.06 42.47 -6.65
N VAL A 457 1.20 43.16 -6.63
CA VAL A 457 2.45 42.63 -6.03
C VAL A 457 2.39 42.83 -4.51
N VAL A 458 2.68 41.77 -3.75
CA VAL A 458 2.72 41.86 -2.26
C VAL A 458 4.06 41.29 -1.77
N HIS A 459 4.80 42.02 -0.94
CA HIS A 459 6.13 41.55 -0.54
C HIS A 459 6.62 42.15 0.78
N CYS A 460 7.74 41.54 1.18
CA CYS A 460 8.96 42.01 1.95
C CYS A 460 9.35 40.87 2.91
N SER A 461 10.54 40.89 3.48
CA SER A 461 11.08 39.79 4.24
C SER A 461 11.22 38.56 3.31
N ALA A 462 10.87 37.35 3.76
CA ALA A 462 10.95 36.12 2.88
C ALA A 462 9.71 35.96 1.97
N GLY A 463 8.67 36.76 2.21
CA GLY A 463 7.49 36.78 1.34
C GLY A 463 6.50 35.64 1.58
N ILE A 464 6.40 35.10 2.81
CA ILE A 464 5.43 34.03 3.12
C ILE A 464 4.54 34.39 4.34
N GLY A 465 5.00 35.13 5.34
CA GLY A 465 4.18 35.27 6.60
C GLY A 465 3.16 36.41 6.58
N ARG A 466 3.66 37.65 6.74
CA ARG A 466 2.83 38.86 6.57
C ARG A 466 2.18 38.86 5.18
N THR A 467 2.99 38.53 4.16
CA THR A 467 2.54 38.55 2.76
C THR A 467 1.34 37.59 2.60
N GLY A 468 1.44 36.38 3.16
CA GLY A 468 0.32 35.42 3.09
C GLY A 468 -0.89 35.91 3.87
N THR A 469 -0.65 36.52 5.03
CA THR A 469 -1.72 37.03 5.91
C THR A 469 -2.54 38.12 5.19
N PHE A 470 -1.87 39.09 4.56
CA PHE A 470 -2.52 40.20 3.82
C PHE A 470 -3.29 39.67 2.59
N ILE A 471 -2.70 38.74 1.83
CA ILE A 471 -3.40 38.15 0.67
C ILE A 471 -4.65 37.36 1.13
N VAL A 472 -4.53 36.47 2.12
CA VAL A 472 -5.71 35.65 2.52
C VAL A 472 -6.84 36.59 3.02
N ILE A 473 -6.51 37.57 3.87
CA ILE A 473 -7.54 38.53 4.34
C ILE A 473 -8.22 39.16 3.12
N ASP A 474 -7.44 39.59 2.11
CA ASP A 474 -7.99 40.26 0.94
C ASP A 474 -8.91 39.36 0.15
N ILE A 475 -8.53 38.11 -0.02
CA ILE A 475 -9.37 37.16 -0.72
C ILE A 475 -10.73 37.02 0.00
N LEU A 476 -10.71 36.80 1.31
CA LEU A 476 -11.94 36.56 2.10
C LEU A 476 -12.84 37.80 2.07
N ILE A 477 -12.24 39.00 2.16
CA ILE A 477 -13.05 40.25 2.19
C ILE A 477 -13.71 40.46 0.83
N ASP A 478 -13.01 40.14 -0.26
CA ASP A 478 -13.57 40.30 -1.62
C ASP A 478 -14.88 39.50 -1.87
N ILE A 479 -14.99 38.32 -1.26
CA ILE A 479 -16.22 37.54 -1.35
C ILE A 479 -17.37 38.35 -0.73
N ILE A 480 -17.13 38.93 0.43
CA ILE A 480 -18.16 39.65 1.15
C ILE A 480 -18.47 40.97 0.43
N ARG A 481 -17.45 41.62 -0.14
CA ARG A 481 -17.69 42.78 -1.03
C ARG A 481 -18.69 42.43 -2.15
N GLU A 482 -18.52 41.28 -2.80
CA GLU A 482 -19.43 40.84 -3.86
C GLU A 482 -20.79 40.43 -3.28
N LYS A 483 -20.81 39.35 -2.50
CA LYS A 483 -22.05 38.60 -2.18
C LYS A 483 -22.69 39.08 -0.87
N GLY A 484 -22.20 40.17 -0.28
CA GLY A 484 -22.79 40.70 0.95
C GLY A 484 -22.56 39.79 2.15
N VAL A 485 -23.30 40.05 3.21
CA VAL A 485 -22.97 39.59 4.56
C VAL A 485 -23.42 38.12 4.76
N ASP A 486 -24.44 37.68 4.01
CA ASP A 486 -24.85 36.27 3.96
C ASP A 486 -24.18 35.52 2.81
N CYS A 487 -23.11 34.79 3.10
CA CYS A 487 -22.39 34.01 2.09
C CYS A 487 -21.38 33.10 2.80
N ASP A 488 -20.90 32.07 2.11
CA ASP A 488 -20.07 31.04 2.74
C ASP A 488 -18.59 31.37 2.69
N ILE A 489 -17.90 31.32 3.84
CA ILE A 489 -16.43 31.42 3.89
C ILE A 489 -15.85 30.23 4.69
N ASP A 490 -14.59 29.92 4.41
CA ASP A 490 -13.90 28.74 4.91
C ASP A 490 -12.37 29.02 5.04
N VAL A 491 -11.97 29.55 6.20
CA VAL A 491 -10.65 30.12 6.39
C VAL A 491 -9.56 29.05 6.12
N PRO A 492 -9.59 27.89 6.80
CA PRO A 492 -8.45 26.98 6.57
C PRO A 492 -8.37 26.42 5.13
N LYS A 493 -9.54 26.23 4.49
CA LYS A 493 -9.59 25.75 3.12
C LYS A 493 -8.98 26.80 2.18
N THR A 494 -9.17 28.08 2.46
CA THR A 494 -8.59 29.13 1.61
C THR A 494 -7.07 29.14 1.78
N ILE A 495 -6.60 28.99 3.01
CA ILE A 495 -5.16 29.04 3.28
C ILE A 495 -4.51 27.85 2.58
N GLN A 496 -5.14 26.68 2.62
CA GLN A 496 -4.57 25.49 1.97
C GLN A 496 -4.41 25.73 0.47
N MET A 497 -5.41 26.30 -0.19
CA MET A 497 -5.39 26.55 -1.64
C MET A 497 -4.26 27.57 -1.99
N VAL A 498 -4.02 28.54 -1.11
CA VAL A 498 -2.95 29.54 -1.34
C VAL A 498 -1.59 28.89 -1.05
N ARG A 499 -1.52 28.02 -0.02
CA ARG A 499 -0.26 27.30 0.32
C ARG A 499 0.15 26.36 -0.83
N SER A 500 -0.80 25.94 -1.68
CA SER A 500 -0.46 25.05 -2.79
C SER A 500 0.22 25.83 -3.92
N GLN A 501 0.28 27.18 -3.83
CA GLN A 501 0.88 28.07 -4.86
C GLN A 501 2.14 28.80 -4.37
N ARG A 502 2.40 28.89 -3.07
CA ARG A 502 3.73 29.32 -2.55
C ARG A 502 3.91 28.72 -1.15
N SER A 503 5.11 28.23 -0.86
CA SER A 503 5.38 27.48 0.38
C SER A 503 5.08 28.32 1.63
N GLY A 504 4.28 27.77 2.54
CA GLY A 504 4.19 28.29 3.94
C GLY A 504 3.40 29.59 4.09
N MET A 505 2.60 29.95 3.10
CA MET A 505 1.80 31.17 3.19
C MET A 505 0.93 31.13 4.46
N VAL A 506 1.13 32.14 5.33
CA VAL A 506 0.62 32.26 6.70
C VAL A 506 1.45 31.35 7.63
N GLN A 507 2.21 31.96 8.53
CA GLN A 507 3.30 31.25 9.27
C GLN A 507 2.86 30.76 10.65
N THR A 508 2.01 31.53 11.37
CA THR A 508 1.81 31.31 12.82
C THR A 508 0.33 31.33 13.23
N GLU A 509 0.09 30.71 14.38
CA GLU A 509 -1.21 30.71 15.10
C GLU A 509 -1.75 32.14 15.25
N ALA A 510 -0.88 33.10 15.56
CA ALA A 510 -1.30 34.48 15.83
C ALA A 510 -1.76 35.18 14.53
N GLN A 511 -1.16 34.85 13.42
CA GLN A 511 -1.59 35.38 12.15
C GLN A 511 -2.95 34.72 11.82
N TYR A 512 -3.10 33.43 12.12
CA TYR A 512 -4.35 32.68 11.84
C TYR A 512 -5.52 33.31 12.58
N ARG A 513 -5.35 33.53 13.87
CA ARG A 513 -6.33 34.22 14.71
C ARG A 513 -6.65 35.62 14.14
N PHE A 514 -5.61 36.34 13.74
CA PHE A 514 -5.74 37.72 13.27
C PHE A 514 -6.64 37.80 12.03
N ILE A 515 -6.55 36.80 11.17
CA ILE A 515 -7.34 36.73 9.95
C ILE A 515 -8.84 36.64 10.30
N TYR A 516 -9.20 35.72 11.20
CA TYR A 516 -10.56 35.61 11.74
C TYR A 516 -11.03 36.97 12.28
N MET A 517 -10.21 37.61 13.11
CA MET A 517 -10.58 38.89 13.74
C MET A 517 -10.81 39.97 12.68
N ALA A 518 -10.01 40.01 11.61
CA ALA A 518 -10.17 41.03 10.55
C ALA A 518 -11.51 40.86 9.81
N VAL A 519 -11.85 39.61 9.45
CA VAL A 519 -13.15 39.31 8.83
C VAL A 519 -14.29 39.76 9.75
N GLN A 520 -14.21 39.42 11.04
CA GLN A 520 -15.25 39.82 12.01
C GLN A 520 -15.44 41.36 12.00
N HIS A 521 -14.34 42.09 12.13
CA HIS A 521 -14.36 43.55 12.13
C HIS A 521 -15.03 44.06 10.84
N TYR A 522 -14.77 43.41 9.73
CA TYR A 522 -15.30 43.84 8.43
C TYR A 522 -16.82 43.63 8.41
N ILE A 523 -17.24 42.45 8.83
CA ILE A 523 -18.65 42.12 8.86
C ILE A 523 -19.37 43.13 9.75
N GLU A 524 -18.77 43.44 10.90
CA GLU A 524 -19.38 44.26 11.94
C GLU A 524 -19.61 45.70 11.45
N THR A 525 -18.62 46.29 10.76
CA THR A 525 -18.81 47.65 10.25
C THR A 525 -19.88 47.62 9.16
N LEU A 526 -19.88 46.58 8.34
CA LEU A 526 -20.83 46.48 7.23
C LEU A 526 -22.28 46.45 7.75
N GLN A 527 -22.52 45.85 8.91
CA GLN A 527 -23.87 45.78 9.51
C GLN A 527 -24.28 47.16 10.07
N ARG A 528 -23.31 48.04 10.31
CA ARG A 528 -23.57 49.38 10.87
C ARG A 528 -24.19 50.31 9.80
N ARG A 529 -24.00 49.98 8.53
CA ARG A 529 -24.61 50.76 7.44
C ARG A 529 -26.14 50.62 7.53
N LEU A 530 -26.59 49.40 7.83
CA LEU A 530 -28.02 49.06 7.91
C LEU A 530 -28.63 49.65 9.20
N GLU A 531 -27.86 49.62 10.29
CA GLU A 531 -28.30 50.15 11.60
C GLU A 531 -28.47 51.67 11.51
N HIS A 532 -27.41 52.34 11.03
CA HIS A 532 -27.36 53.80 10.87
C HIS A 532 -28.48 54.28 9.92
N HIS A 533 -28.87 53.45 8.96
CA HIS A 533 -29.87 53.83 7.96
C HIS A 533 -31.26 53.96 8.61
N HIS A 534 -31.70 52.98 9.40
CA HIS A 534 -33.08 52.95 9.91
C HIS A 534 -33.24 53.91 11.10
N SER B 4 -0.41 -12.15 3.53
CA SER B 4 -1.06 -13.43 3.19
C SER B 4 -0.10 -14.59 3.47
N ARG B 5 -0.58 -15.52 4.30
CA ARG B 5 0.11 -16.77 4.70
C ARG B 5 1.18 -16.49 5.77
N ARG B 6 1.05 -15.37 6.46
CA ARG B 6 1.96 -14.98 7.51
C ARG B 6 1.66 -15.77 8.78
N TRP B 7 0.50 -16.45 8.82
CA TRP B 7 0.01 -17.13 10.03
C TRP B 7 0.60 -18.54 10.18
N PHE B 8 1.31 -19.05 9.20
CA PHE B 8 2.01 -20.33 9.37
C PHE B 8 3.40 -20.11 9.95
N HIS B 9 3.74 -20.79 11.05
CA HIS B 9 5.08 -20.69 11.68
C HIS B 9 5.81 -22.04 11.55
N PRO B 10 6.72 -22.18 10.58
CA PRO B 10 7.31 -23.50 10.27
C PRO B 10 8.19 -24.09 11.38
N ASN B 11 8.73 -23.26 12.27
CA ASN B 11 9.84 -23.66 13.14
C ASN B 11 9.55 -23.28 14.59
N ILE B 12 8.37 -23.64 15.09
CA ILE B 12 7.96 -23.22 16.43
C ILE B 12 7.50 -24.46 17.21
N THR B 13 7.71 -24.48 18.53
CA THR B 13 7.15 -25.49 19.42
C THR B 13 5.78 -25.02 19.94
N GLY B 14 5.04 -25.95 20.53
CA GLY B 14 3.74 -25.65 21.15
C GLY B 14 3.86 -24.69 22.31
N VAL B 15 4.85 -24.88 23.17
CA VAL B 15 4.98 -24.01 24.33
C VAL B 15 5.37 -22.61 23.82
N GLU B 16 6.08 -22.54 22.70
CA GLU B 16 6.39 -21.25 22.03
C GLU B 16 5.11 -20.63 21.43
N ALA B 17 4.24 -21.46 20.85
CA ALA B 17 2.99 -20.97 20.27
C ALA B 17 2.13 -20.33 21.36
N GLU B 18 2.06 -20.97 22.52
CA GLU B 18 1.24 -20.47 23.61
C GLU B 18 1.72 -19.07 24.05
N ASN B 19 3.02 -18.98 24.33
CA ASN B 19 3.60 -17.75 24.90
C ASN B 19 3.43 -16.60 23.90
N LEU B 20 3.49 -16.93 22.61
CA LEU B 20 3.31 -15.96 21.54
C LEU B 20 1.88 -15.41 21.57
N LEU B 21 0.90 -16.30 21.67
CA LEU B 21 -0.50 -15.89 21.60
C LEU B 21 -0.93 -15.17 22.89
N LEU B 22 -0.28 -15.46 24.02
CA LEU B 22 -0.67 -14.85 25.30
C LEU B 22 -0.03 -13.45 25.47
N THR B 23 1.11 -13.20 24.81
CA THR B 23 1.85 -11.94 24.99
C THR B 23 1.59 -11.00 23.80
N ARG B 24 1.59 -11.50 22.58
CA ARG B 24 1.43 -10.66 21.40
C ARG B 24 0.04 -10.84 20.77
N GLY B 25 -0.84 -11.67 21.35
CA GLY B 25 -2.19 -11.87 20.79
C GLY B 25 -3.29 -11.32 21.69
N VAL B 26 -4.52 -11.44 21.20
CA VAL B 26 -5.76 -11.25 21.99
C VAL B 26 -6.69 -12.44 21.71
N ASP B 27 -7.90 -12.46 22.27
CA ASP B 27 -8.82 -13.54 21.96
C ASP B 27 -9.24 -13.42 20.50
N GLY B 28 -9.25 -14.55 19.80
CA GLY B 28 -9.51 -14.56 18.37
C GLY B 28 -8.25 -14.73 17.54
N SER B 29 -7.09 -14.46 18.14
CA SER B 29 -5.79 -14.65 17.50
C SER B 29 -5.46 -16.15 17.35
N PHE B 30 -4.84 -16.51 16.22
CA PHE B 30 -4.50 -17.90 15.90
C PHE B 30 -3.24 -17.96 15.02
N LEU B 31 -2.59 -19.14 15.07
CA LEU B 31 -1.55 -19.50 14.11
C LEU B 31 -1.68 -20.99 13.76
N ALA B 32 -0.98 -21.43 12.72
CA ALA B 32 -0.85 -22.87 12.38
C ALA B 32 0.63 -23.23 12.34
N ARG B 33 0.95 -24.49 12.70
CA ARG B 33 2.34 -24.97 12.81
C ARG B 33 2.40 -26.48 12.51
N PRO B 34 3.59 -26.97 12.11
CA PRO B 34 3.85 -28.40 11.92
C PRO B 34 3.79 -29.09 13.28
N SER B 35 3.26 -30.30 13.36
CA SER B 35 3.21 -30.97 14.66
C SER B 35 4.59 -31.56 14.98
N LYS B 36 5.04 -31.36 16.21
CA LYS B 36 6.30 -31.96 16.61
C LYS B 36 6.03 -33.36 17.17
N SER B 37 4.84 -33.59 17.73
CA SER B 37 4.47 -34.92 18.27
C SER B 37 4.32 -35.94 17.13
N ASN B 38 3.55 -35.61 16.10
CA ASN B 38 3.18 -36.57 15.07
C ASN B 38 3.55 -36.02 13.69
N PRO B 39 4.82 -36.19 13.25
CA PRO B 39 5.39 -35.77 11.94
C PRO B 39 4.52 -36.09 10.70
N GLY B 40 4.27 -35.06 9.89
CA GLY B 40 3.33 -35.15 8.75
C GLY B 40 2.00 -34.47 9.04
N ASP B 41 1.65 -34.28 10.33
CA ASP B 41 0.45 -33.55 10.75
C ASP B 41 0.77 -32.08 11.07
N PHE B 42 -0.28 -31.33 11.43
CA PHE B 42 -0.20 -29.91 11.72
C PHE B 42 -1.13 -29.63 12.91
N THR B 43 -1.01 -28.44 13.46
CA THR B 43 -1.83 -28.01 14.60
C THR B 43 -2.32 -26.56 14.38
N LEU B 44 -3.59 -26.32 14.67
CA LEU B 44 -4.18 -25.00 14.72
C LEU B 44 -4.23 -24.57 16.18
N SER B 45 -3.45 -23.55 16.54
CA SER B 45 -3.43 -23.06 17.92
C SER B 45 -4.19 -21.73 18.01
N VAL B 46 -5.05 -21.55 19.01
CA VAL B 46 -6.08 -20.51 18.97
C VAL B 46 -6.27 -19.93 20.38
N ARG B 47 -6.14 -18.61 20.56
CA ARG B 47 -6.41 -17.96 21.85
C ARG B 47 -7.93 -17.75 22.01
N ARG B 48 -8.37 -17.90 23.26
CA ARG B 48 -9.80 -17.90 23.62
C ARG B 48 -9.92 -17.74 25.15
N ASN B 49 -10.55 -16.64 25.59
CA ASN B 49 -10.80 -16.30 27.03
C ASN B 49 -9.51 -16.26 27.86
N GLY B 50 -8.38 -15.86 27.29
CA GLY B 50 -7.12 -15.84 28.04
C GLY B 50 -6.45 -17.21 28.13
N ALA B 51 -6.92 -18.17 27.34
CA ALA B 51 -6.29 -19.49 27.27
C ALA B 51 -6.11 -19.89 25.80
N VAL B 52 -5.17 -20.81 25.56
CA VAL B 52 -4.88 -21.30 24.22
C VAL B 52 -5.48 -22.71 24.08
N THR B 53 -5.97 -23.01 22.88
CA THR B 53 -6.49 -24.30 22.51
C THR B 53 -5.69 -24.81 21.29
N HIS B 54 -5.34 -26.09 21.29
CA HIS B 54 -4.62 -26.69 20.20
C HIS B 54 -5.52 -27.72 19.53
N ILE B 55 -5.61 -27.70 18.20
CA ILE B 55 -6.55 -28.57 17.45
C ILE B 55 -5.75 -29.31 16.37
N LYS B 56 -6.01 -30.59 16.23
CA LYS B 56 -5.22 -31.44 15.34
C LYS B 56 -5.76 -31.33 13.91
N ILE B 57 -4.82 -31.30 12.95
CA ILE B 57 -5.07 -31.40 11.53
C ILE B 57 -4.23 -32.56 10.99
N GLN B 58 -4.89 -33.61 10.50
CA GLN B 58 -4.20 -34.78 9.92
C GLN B 58 -4.22 -34.71 8.39
N ASN B 59 -3.13 -35.13 7.77
CA ASN B 59 -3.12 -35.37 6.34
C ASN B 59 -2.30 -36.65 6.06
N THR B 60 -3.00 -37.76 5.83
CA THR B 60 -2.32 -39.03 5.46
C THR B 60 -2.15 -39.14 3.95
N GLY B 61 -2.58 -38.17 3.16
CA GLY B 61 -2.32 -38.22 1.72
C GLY B 61 -3.51 -37.81 0.85
N ASP B 62 -4.72 -37.70 1.39
CA ASP B 62 -5.89 -37.40 0.51
C ASP B 62 -6.54 -35.99 0.68
N TYR B 63 -6.28 -35.35 1.82
CA TYR B 63 -6.91 -34.12 2.23
C TYR B 63 -6.47 -33.77 3.65
N TYR B 64 -6.60 -32.49 4.01
CA TYR B 64 -6.37 -32.04 5.41
C TYR B 64 -7.66 -32.23 6.22
N ASP B 65 -7.56 -32.99 7.31
CA ASP B 65 -8.73 -33.41 8.11
C ASP B 65 -8.67 -32.72 9.47
N LEU B 66 -9.48 -31.68 9.67
CA LEU B 66 -9.45 -30.87 10.92
C LEU B 66 -10.37 -31.54 11.96
N TYR B 67 -9.78 -31.94 13.09
CA TYR B 67 -10.49 -32.65 14.16
C TYR B 67 -11.67 -31.80 14.69
N GLY B 68 -12.89 -32.33 14.59
CA GLY B 68 -14.11 -31.61 14.98
C GLY B 68 -14.56 -30.59 13.95
N GLY B 69 -13.92 -30.61 12.78
CA GLY B 69 -14.21 -29.67 11.70
C GLY B 69 -14.36 -30.42 10.39
N GLU B 70 -13.96 -29.81 9.29
CA GLU B 70 -14.29 -30.34 7.99
C GLU B 70 -13.00 -30.76 7.26
N LYS B 71 -13.15 -31.18 6.01
CA LYS B 71 -12.02 -31.63 5.18
C LYS B 71 -11.69 -30.55 4.12
N PHE B 72 -10.38 -30.29 3.94
CA PHE B 72 -9.93 -29.16 3.10
C PHE B 72 -8.78 -29.57 2.17
N ALA B 73 -8.67 -28.86 1.02
CA ALA B 73 -7.63 -29.08 -0.02
C ALA B 73 -6.29 -28.42 0.33
N THR B 74 -6.33 -27.27 1.05
CA THR B 74 -5.12 -26.52 1.49
C THR B 74 -5.40 -25.86 2.85
N LEU B 75 -4.37 -25.61 3.65
CA LEU B 75 -4.52 -24.89 4.92
C LEU B 75 -5.01 -23.45 4.66
N ALA B 76 -4.58 -22.81 3.57
CA ALA B 76 -5.10 -21.43 3.22
C ALA B 76 -6.60 -21.50 2.91
N GLU B 77 -7.04 -22.51 2.17
CA GLU B 77 -8.49 -22.66 1.91
C GLU B 77 -9.23 -22.88 3.24
N LEU B 78 -8.60 -23.59 4.21
CA LEU B 78 -9.22 -23.90 5.56
C LEU B 78 -9.39 -22.60 6.37
N VAL B 79 -8.37 -21.73 6.34
CA VAL B 79 -8.37 -20.44 7.09
C VAL B 79 -9.29 -19.43 6.38
N GLN B 80 -9.30 -19.41 5.05
CA GLN B 80 -10.24 -18.53 4.32
C GLN B 80 -11.68 -18.90 4.70
N TYR B 81 -11.98 -20.21 4.82
CA TYR B 81 -13.34 -20.71 5.09
C TYR B 81 -13.84 -20.28 6.49
N TYR B 82 -13.01 -20.42 7.53
CA TYR B 82 -13.47 -20.12 8.91
C TYR B 82 -13.38 -18.60 9.19
N MET B 83 -12.46 -17.89 8.56
CA MET B 83 -12.46 -16.43 8.73
C MET B 83 -13.72 -15.81 8.12
N GLU B 84 -14.53 -16.58 7.37
CA GLU B 84 -15.78 -16.08 6.75
C GLU B 84 -17.02 -16.83 7.25
N HIS B 85 -16.86 -17.91 8.03
CA HIS B 85 -17.99 -18.54 8.74
C HIS B 85 -17.64 -18.63 10.24
N HIS B 86 -18.05 -17.62 11.01
CA HIS B 86 -17.48 -17.36 12.36
C HIS B 86 -18.08 -18.29 13.43
N GLY B 87 -19.24 -18.90 13.17
CA GLY B 87 -19.84 -19.83 14.14
C GLY B 87 -19.63 -21.29 13.76
N GLN B 88 -18.68 -21.54 12.88
CA GLN B 88 -18.61 -22.82 12.17
C GLN B 88 -17.61 -23.77 12.83
N LEU B 89 -16.45 -23.30 13.28
CA LEU B 89 -15.56 -24.21 13.99
C LEU B 89 -16.02 -24.37 15.46
N LYS B 90 -16.25 -25.63 15.81
CA LYS B 90 -16.48 -26.05 17.19
C LYS B 90 -15.40 -27.06 17.59
N GLU B 91 -14.96 -27.01 18.85
CA GLU B 91 -14.31 -28.19 19.44
C GLU B 91 -15.41 -29.22 19.73
N LYS B 92 -15.04 -30.46 20.05
CA LYS B 92 -16.01 -31.56 20.04
C LYS B 92 -17.01 -31.44 21.20
N ASN B 93 -16.68 -30.70 22.27
CA ASN B 93 -17.65 -30.46 23.36
C ASN B 93 -18.74 -29.50 22.87
N GLY B 94 -18.59 -28.98 21.64
CA GLY B 94 -19.62 -28.17 20.98
C GLY B 94 -19.25 -26.70 20.94
N ASP B 95 -18.49 -26.25 21.93
CA ASP B 95 -18.17 -24.81 22.09
C ASP B 95 -17.55 -24.18 20.85
N VAL B 96 -18.02 -22.99 20.49
CA VAL B 96 -17.57 -22.27 19.29
C VAL B 96 -16.11 -21.83 19.45
N ILE B 97 -15.34 -21.92 18.37
CA ILE B 97 -13.98 -21.39 18.32
C ILE B 97 -13.90 -20.41 17.14
N GLU B 98 -13.44 -19.18 17.43
CA GLU B 98 -13.42 -18.12 16.43
C GLU B 98 -11.99 -17.79 15.98
N LEU B 99 -11.78 -17.81 14.67
CA LEU B 99 -10.55 -17.33 14.01
C LEU B 99 -10.77 -15.90 13.51
N LYS B 100 -10.26 -14.94 14.25
CA LYS B 100 -10.46 -13.51 13.96
C LYS B 100 -9.17 -12.85 13.45
N TYR B 101 -8.04 -13.07 14.13
CA TYR B 101 -6.84 -12.24 13.92
C TYR B 101 -5.59 -13.11 13.74
N PRO B 102 -5.07 -13.24 12.50
CA PRO B 102 -3.87 -14.06 12.30
C PRO B 102 -2.66 -13.49 13.05
N LEU B 103 -1.86 -14.34 13.68
CA LEU B 103 -0.63 -13.89 14.35
C LEU B 103 0.56 -14.14 13.41
N ASN B 104 1.21 -13.06 12.96
CA ASN B 104 2.20 -13.12 11.86
C ASN B 104 3.55 -13.70 12.33
N CYS B 105 4.13 -14.50 11.46
CA CYS B 105 5.45 -15.08 11.67
C CYS B 105 6.52 -14.14 11.06
N ALA B 106 7.67 -14.01 11.72
CA ALA B 106 8.79 -13.15 11.25
C ALA B 106 9.83 -13.97 10.48
N ASP B 107 9.91 -15.28 10.77
CA ASP B 107 10.92 -16.18 10.20
C ASP B 107 10.93 -16.10 8.66
N PRO B 108 12.08 -15.79 8.03
CA PRO B 108 12.10 -15.78 6.56
C PRO B 108 12.58 -17.06 5.86
N THR B 109 12.80 -18.16 6.58
CA THR B 109 13.46 -19.37 6.02
C THR B 109 12.64 -20.01 4.89
N SER B 110 11.33 -19.83 4.91
CA SER B 110 10.47 -20.44 3.91
C SER B 110 10.12 -19.44 2.79
N GLU B 111 10.93 -18.38 2.57
CA GLU B 111 10.66 -17.42 1.49
C GLU B 111 11.63 -17.72 0.32
N ARG B 112 11.13 -17.64 -0.91
CA ARG B 112 11.94 -18.04 -2.06
C ARG B 112 13.22 -17.20 -2.12
N TRP B 113 13.14 -15.93 -1.71
CA TRP B 113 14.25 -15.00 -1.90
C TRP B 113 15.28 -15.09 -0.76
N PHE B 114 15.05 -15.87 0.28
CA PHE B 114 16.03 -15.92 1.38
C PHE B 114 17.07 -17.01 1.12
N HIS B 115 18.35 -16.72 1.38
CA HIS B 115 19.47 -17.65 1.14
C HIS B 115 20.41 -17.78 2.36
N GLY B 116 20.05 -17.27 3.53
CA GLY B 116 20.89 -17.46 4.74
C GLY B 116 22.36 -17.16 4.48
N HIS B 117 23.26 -18.06 4.89
CA HIS B 117 24.71 -17.83 4.75
C HIS B 117 25.09 -17.92 3.26
N LEU B 118 25.76 -16.88 2.75
CA LEU B 118 26.12 -16.76 1.34
C LEU B 118 26.89 -15.46 1.14
N SER B 119 28.09 -15.56 0.57
CA SER B 119 28.98 -14.43 0.34
C SER B 119 28.46 -13.58 -0.83
N GLY B 120 28.84 -12.31 -0.88
CA GLY B 120 28.54 -11.47 -2.04
C GLY B 120 29.29 -11.95 -3.28
N LYS B 121 30.32 -12.77 -3.06
CA LYS B 121 31.06 -13.46 -4.12
C LYS B 121 30.11 -14.40 -4.88
N GLU B 122 29.54 -15.37 -4.17
CA GLU B 122 28.62 -16.36 -4.75
C GLU B 122 27.33 -15.69 -5.22
N ALA B 123 26.84 -14.71 -4.47
CA ALA B 123 25.56 -14.08 -4.79
C ALA B 123 25.65 -13.43 -6.16
N GLU B 124 26.76 -12.75 -6.41
CA GLU B 124 27.02 -12.11 -7.69
C GLU B 124 27.12 -13.20 -8.77
N LYS B 125 27.83 -14.29 -8.48
CA LYS B 125 27.94 -15.43 -9.44
C LYS B 125 26.53 -15.93 -9.81
N LEU B 126 25.70 -16.23 -8.80
CA LEU B 126 24.37 -16.82 -9.07
C LEU B 126 23.55 -15.88 -9.96
N LEU B 127 23.60 -14.58 -9.67
CA LEU B 127 22.77 -13.58 -10.36
C LEU B 127 23.32 -13.33 -11.77
N THR B 128 24.63 -13.50 -11.95
CA THR B 128 25.29 -13.33 -13.26
C THR B 128 24.96 -14.50 -14.21
N GLU B 129 24.66 -15.67 -13.66
CA GLU B 129 24.51 -16.91 -14.45
C GLU B 129 23.02 -17.22 -14.67
N LYS B 130 22.26 -17.25 -13.59
CA LYS B 130 20.85 -17.61 -13.63
C LYS B 130 19.93 -16.38 -13.59
N GLY B 131 20.45 -15.21 -13.24
CA GLY B 131 19.59 -14.05 -12.98
C GLY B 131 19.27 -13.27 -14.24
N LYS B 132 18.22 -12.45 -14.14
CA LYS B 132 17.74 -11.59 -15.21
C LYS B 132 17.38 -10.22 -14.58
N HIS B 133 17.01 -9.20 -15.37
CA HIS B 133 16.62 -7.91 -14.77
C HIS B 133 15.57 -8.11 -13.68
N GLY B 134 15.83 -7.50 -12.52
CA GLY B 134 14.90 -7.50 -11.39
C GLY B 134 15.06 -8.71 -10.48
N SER B 135 16.06 -9.56 -10.73
CA SER B 135 16.28 -10.77 -9.92
C SER B 135 16.94 -10.40 -8.59
N PHE B 136 16.46 -10.93 -7.47
CA PHE B 136 16.95 -10.48 -6.15
C PHE B 136 16.98 -11.64 -5.14
N LEU B 137 17.76 -11.45 -4.08
CA LEU B 137 17.84 -12.41 -2.95
C LEU B 137 18.19 -11.66 -1.66
N VAL B 138 17.80 -12.19 -0.49
CA VAL B 138 18.34 -11.66 0.78
C VAL B 138 19.29 -12.71 1.39
N ARG B 139 20.42 -12.25 1.94
CA ARG B 139 21.47 -13.11 2.53
C ARG B 139 22.00 -12.48 3.82
N GLU B 140 22.56 -13.32 4.69
CA GLU B 140 23.16 -12.85 5.95
C GLU B 140 24.45 -12.06 5.64
N SER B 141 24.72 -11.06 6.50
CA SER B 141 25.81 -10.12 6.28
C SER B 141 27.15 -10.76 6.69
N GLN B 142 28.14 -10.46 5.85
CA GLN B 142 29.50 -10.96 5.96
C GLN B 142 30.28 -10.18 7.02
N SER B 143 30.13 -8.85 7.07
CA SER B 143 30.94 -8.01 7.96
C SER B 143 30.23 -7.78 9.31
N HIS B 144 28.95 -7.49 9.25
CA HIS B 144 28.20 -7.03 10.42
C HIS B 144 27.33 -8.18 10.95
N PRO B 145 27.85 -8.98 11.92
CA PRO B 145 27.16 -10.19 12.39
C PRO B 145 25.77 -9.87 12.96
N GLY B 146 24.74 -10.21 12.18
CA GLY B 146 23.34 -9.97 12.54
C GLY B 146 22.62 -9.13 11.50
N ASP B 147 23.37 -8.41 10.66
CA ASP B 147 22.77 -7.62 9.59
C ASP B 147 22.52 -8.50 8.36
N PHE B 148 22.01 -7.88 7.29
CA PHE B 148 21.61 -8.62 6.11
C PHE B 148 21.90 -7.78 4.87
N VAL B 149 21.93 -8.42 3.69
CA VAL B 149 22.18 -7.70 2.45
C VAL B 149 21.10 -8.06 1.42
N LEU B 150 20.56 -7.05 0.74
CA LEU B 150 19.70 -7.29 -0.42
C LEU B 150 20.55 -7.12 -1.69
N SER B 151 20.66 -8.17 -2.51
CA SER B 151 21.50 -8.10 -3.75
C SER B 151 20.60 -8.18 -5.00
N VAL B 152 20.63 -7.15 -5.85
CA VAL B 152 19.63 -6.99 -6.93
C VAL B 152 20.35 -6.80 -8.26
N ARG B 153 19.91 -7.54 -9.28
CA ARG B 153 20.44 -7.37 -10.63
C ARG B 153 19.56 -6.39 -11.40
N THR B 154 20.18 -5.55 -12.22
CA THR B 154 19.47 -4.68 -13.12
C THR B 154 20.20 -4.61 -14.46
N GLY B 155 19.47 -4.34 -15.54
CA GLY B 155 20.09 -3.99 -16.81
C GLY B 155 19.32 -4.53 -17.99
N ASP B 156 20.07 -4.95 -19.01
CA ASP B 156 19.54 -5.29 -20.33
C ASP B 156 19.46 -6.80 -20.53
N ASP B 157 18.27 -7.28 -20.89
CA ASP B 157 18.10 -8.67 -21.30
C ASP B 157 18.14 -8.77 -22.83
N ASN B 162 28.56 -10.30 -21.52
CA ASN B 162 28.95 -9.46 -20.38
C ASN B 162 29.54 -8.15 -20.89
N ASP B 163 28.67 -7.30 -21.43
CA ASP B 163 29.07 -6.03 -22.02
C ASP B 163 28.87 -4.82 -21.10
N GLY B 164 28.59 -5.04 -19.82
CA GLY B 164 28.48 -3.96 -18.82
C GLY B 164 27.10 -3.32 -18.78
N LYS B 165 26.15 -3.80 -19.58
CA LYS B 165 24.78 -3.27 -19.60
C LYS B 165 24.05 -3.65 -18.29
N SER B 166 24.38 -4.82 -17.74
CA SER B 166 23.87 -5.21 -16.43
C SER B 166 24.87 -4.81 -15.34
N LYS B 167 24.41 -4.96 -14.09
CA LYS B 167 25.20 -4.78 -12.88
C LYS B 167 24.45 -5.41 -11.70
N VAL B 168 25.15 -5.62 -10.58
CA VAL B 168 24.53 -6.10 -9.34
C VAL B 168 24.77 -5.07 -8.24
N THR B 169 23.70 -4.62 -7.60
CA THR B 169 23.75 -3.63 -6.49
C THR B 169 23.48 -4.35 -5.17
N HIS B 170 24.26 -4.06 -4.14
CA HIS B 170 24.08 -4.63 -2.78
C HIS B 170 23.59 -3.54 -1.81
N VAL B 171 22.51 -3.80 -1.05
CA VAL B 171 21.95 -2.78 -0.15
C VAL B 171 21.95 -3.32 1.28
N MET B 172 22.57 -2.60 2.21
CA MET B 172 22.71 -3.06 3.60
C MET B 172 21.35 -2.96 4.31
N ILE B 173 20.95 -4.03 5.01
CA ILE B 173 19.78 -4.02 5.90
C ILE B 173 20.27 -4.16 7.34
N ARG B 174 20.06 -3.11 8.14
CA ARG B 174 20.50 -3.10 9.54
C ARG B 174 19.47 -3.85 10.38
N CYS B 175 19.95 -4.49 11.44
CA CYS B 175 19.09 -5.08 12.45
C CYS B 175 19.28 -4.33 13.78
N GLN B 176 18.22 -3.67 14.25
CA GLN B 176 18.28 -2.88 15.47
C GLN B 176 17.01 -3.16 16.28
N GLU B 177 17.18 -3.53 17.54
CA GLU B 177 16.08 -3.89 18.44
C GLU B 177 15.07 -4.79 17.72
N LEU B 178 15.58 -5.76 16.98
CA LEU B 178 14.79 -6.74 16.23
C LEU B 178 13.82 -6.08 15.24
N LYS B 179 14.15 -4.88 14.76
CA LYS B 179 13.49 -4.30 13.59
C LYS B 179 14.53 -4.10 12.47
N TYR B 180 14.06 -4.01 11.24
CA TYR B 180 14.89 -4.01 10.03
C TYR B 180 14.68 -2.72 9.22
N ASP B 181 15.79 -2.11 8.79
CA ASP B 181 15.76 -0.91 7.93
C ASP B 181 16.93 -0.84 6.93
N VAL B 182 16.77 0.05 5.93
CA VAL B 182 17.79 0.24 4.87
C VAL B 182 18.67 1.46 5.15
N GLY B 183 18.70 2.02 6.37
CA GLY B 183 19.61 3.14 6.72
C GLY B 183 18.87 4.44 6.99
N GLY B 184 17.57 4.45 6.64
CA GLY B 184 16.72 5.61 6.89
C GLY B 184 15.28 5.28 6.57
N GLY B 185 14.34 6.03 7.13
CA GLY B 185 12.91 5.89 6.82
C GLY B 185 12.18 4.98 7.79
N GLU B 186 11.34 4.10 7.28
CA GLU B 186 10.50 3.23 8.09
C GLU B 186 11.34 2.06 8.62
N ARG B 187 11.02 1.58 9.82
CA ARG B 187 11.59 0.37 10.39
C ARG B 187 10.52 -0.73 10.42
N PHE B 188 10.88 -1.96 10.03
CA PHE B 188 9.93 -3.06 9.82
C PHE B 188 10.11 -4.18 10.85
N ASP B 189 9.04 -4.93 11.09
CA ASP B 189 9.07 -6.04 12.07
C ASP B 189 9.66 -7.36 11.56
N SER B 190 9.83 -7.47 10.25
CA SER B 190 10.37 -8.65 9.61
C SER B 190 11.05 -8.28 8.29
N LEU B 191 11.94 -9.14 7.81
CA LEU B 191 12.53 -9.00 6.46
C LEU B 191 11.43 -9.06 5.39
N THR B 192 10.45 -9.92 5.62
CA THR B 192 9.33 -10.06 4.70
C THR B 192 8.61 -8.72 4.50
N ASP B 193 8.28 -8.05 5.61
CA ASP B 193 7.61 -6.75 5.57
C ASP B 193 8.47 -5.71 4.81
N LEU B 194 9.79 -5.78 4.99
CA LEU B 194 10.71 -4.87 4.30
C LEU B 194 10.72 -5.15 2.79
N VAL B 195 10.71 -6.40 2.39
CA VAL B 195 10.78 -6.77 0.97
C VAL B 195 9.48 -6.37 0.25
N GLU B 196 8.33 -6.64 0.88
CA GLU B 196 7.02 -6.33 0.26
C GLU B 196 6.90 -4.81 0.05
N HIS B 197 7.32 -4.04 1.06
CA HIS B 197 7.31 -2.61 0.96
C HIS B 197 8.17 -2.14 -0.22
N TYR B 198 9.40 -2.61 -0.34
CA TYR B 198 10.29 -2.03 -1.36
C TYR B 198 9.99 -2.69 -2.72
N LYS B 199 9.10 -3.67 -2.76
CA LYS B 199 8.54 -4.19 -4.04
C LYS B 199 7.53 -3.18 -4.63
N LYS B 200 6.65 -2.64 -3.80
CA LYS B 200 5.62 -1.69 -4.25
C LYS B 200 6.19 -0.27 -4.28
N ASN B 201 7.28 -0.02 -3.56
CA ASN B 201 7.83 1.36 -3.44
C ASN B 201 9.34 1.32 -3.72
N PRO B 202 9.71 0.93 -4.95
CA PRO B 202 11.11 0.61 -5.28
C PRO B 202 12.10 1.74 -4.99
N MET B 203 13.33 1.35 -4.66
CA MET B 203 14.37 2.30 -4.29
C MET B 203 14.98 2.91 -5.56
N VAL B 204 15.36 4.17 -5.45
CA VAL B 204 15.91 4.96 -6.55
C VAL B 204 17.32 5.43 -6.17
N GLU B 205 18.32 5.10 -6.98
CA GLU B 205 19.71 5.56 -6.76
C GLU B 205 19.82 7.05 -7.10
N THR B 206 20.92 7.67 -6.67
CA THR B 206 21.13 9.10 -6.89
C THR B 206 21.08 9.41 -8.39
N LEU B 207 21.78 8.63 -9.21
CA LEU B 207 21.83 8.91 -10.66
C LEU B 207 20.64 8.25 -11.37
N GLY B 208 19.71 7.67 -10.62
CA GLY B 208 18.35 7.45 -11.11
C GLY B 208 18.00 6.00 -11.42
N THR B 209 18.88 5.05 -11.12
CA THR B 209 18.54 3.63 -11.34
C THR B 209 17.47 3.18 -10.33
N VAL B 210 16.44 2.52 -10.85
CA VAL B 210 15.37 1.97 -10.04
C VAL B 210 15.73 0.51 -9.69
N LEU B 211 15.82 0.21 -8.40
CA LEU B 211 16.15 -1.14 -7.96
C LEU B 211 14.84 -1.93 -7.82
N GLN B 212 14.35 -2.43 -8.94
CA GLN B 212 13.08 -3.15 -9.03
C GLN B 212 13.27 -4.58 -8.51
N LEU B 213 12.38 -5.03 -7.64
CA LEU B 213 12.46 -6.39 -7.14
C LEU B 213 11.36 -7.24 -7.83
N LYS B 214 11.70 -7.81 -9.00
CA LYS B 214 10.68 -8.42 -9.86
C LYS B 214 10.50 -9.90 -9.48
N GLN B 215 11.59 -10.67 -9.45
CA GLN B 215 11.47 -12.10 -9.17
C GLN B 215 12.70 -12.57 -8.39
N PRO B 216 12.52 -13.56 -7.51
CA PRO B 216 13.64 -14.14 -6.81
C PRO B 216 14.51 -15.00 -7.75
N LEU B 217 15.64 -15.44 -7.22
CA LEU B 217 16.55 -16.26 -7.98
C LEU B 217 16.03 -17.70 -7.97
N ASN B 218 16.03 -18.35 -9.12
CA ASN B 218 15.61 -19.75 -9.20
C ASN B 218 16.72 -20.66 -8.66
N THR B 219 16.40 -21.44 -7.61
CA THR B 219 17.35 -22.39 -7.02
C THR B 219 16.88 -23.86 -7.21
N THR B 220 15.79 -24.13 -7.94
CA THR B 220 15.20 -25.52 -7.96
C THR B 220 15.30 -26.21 -9.33
N ARG B 221 15.50 -25.46 -10.43
CA ARG B 221 15.69 -26.03 -11.79
C ARG B 221 17.02 -26.82 -11.85
N ILE B 222 16.97 -28.04 -12.39
CA ILE B 222 18.20 -28.86 -12.55
C ILE B 222 18.22 -29.50 -13.92
N ASN B 223 19.41 -30.01 -14.28
CA ASN B 223 19.58 -30.85 -15.45
C ASN B 223 19.27 -32.30 -15.04
N ALA B 224 18.37 -32.95 -15.77
CA ALA B 224 17.81 -34.24 -15.34
C ALA B 224 18.93 -35.25 -15.06
N ALA B 225 19.98 -35.21 -15.88
CA ALA B 225 21.06 -36.19 -15.77
C ALA B 225 21.78 -36.08 -14.42
N GLU B 226 21.70 -34.94 -13.73
CA GLU B 226 22.34 -34.82 -12.42
C GLU B 226 21.31 -34.90 -11.28
N ILE B 227 20.17 -35.58 -11.51
CA ILE B 227 19.09 -35.77 -10.51
C ILE B 227 19.66 -36.42 -9.24
N GLU B 228 20.56 -37.37 -9.42
CA GLU B 228 21.12 -38.16 -8.33
C GLU B 228 21.86 -37.27 -7.31
N SER B 229 22.60 -36.27 -7.78
CA SER B 229 23.33 -35.33 -6.86
C SER B 229 22.37 -34.47 -6.04
N ARG B 230 21.33 -33.96 -6.69
CA ARG B 230 20.36 -33.08 -6.01
C ARG B 230 19.59 -33.89 -4.96
N VAL B 231 19.21 -35.13 -5.28
CA VAL B 231 18.45 -35.98 -4.34
C VAL B 231 19.35 -36.27 -3.11
N ARG B 232 20.64 -36.44 -3.35
CA ARG B 232 21.61 -36.64 -2.24
C ARG B 232 21.65 -35.38 -1.36
N GLU B 233 21.85 -34.19 -1.94
CA GLU B 233 21.79 -32.92 -1.16
C GLU B 233 20.52 -32.86 -0.29
N LEU B 234 19.37 -33.07 -0.92
CA LEU B 234 18.06 -32.92 -0.25
C LEU B 234 17.82 -34.03 0.78
N SER B 235 18.60 -35.12 0.75
CA SER B 235 18.42 -36.20 1.72
C SER B 235 19.16 -35.93 3.04
N LYS B 236 19.96 -34.85 3.13
CA LYS B 236 20.53 -34.44 4.43
C LYS B 236 20.61 -32.91 4.49
N GLY B 247 16.91 -29.86 2.89
CA GLY B 247 15.97 -30.93 3.06
C GLY B 247 14.81 -30.83 2.07
N PHE B 248 14.30 -32.00 1.69
CA PHE B 248 12.97 -32.13 1.07
C PHE B 248 11.90 -31.40 1.91
N TRP B 249 12.06 -31.35 3.24
CA TRP B 249 11.07 -30.68 4.08
C TRP B 249 11.10 -29.16 3.81
N GLU B 250 12.29 -28.58 3.84
CA GLU B 250 12.43 -27.12 3.67
C GLU B 250 11.97 -26.71 2.26
N GLU B 251 12.30 -27.52 1.25
CA GLU B 251 11.89 -27.19 -0.12
C GLU B 251 10.36 -27.29 -0.23
N PHE B 252 9.77 -28.38 0.28
CA PHE B 252 8.31 -28.54 0.26
C PHE B 252 7.65 -27.34 0.94
N GLU B 253 8.11 -27.00 2.14
CA GLU B 253 7.45 -25.90 2.91
C GLU B 253 7.52 -24.60 2.11
N THR B 254 8.64 -24.35 1.42
CA THR B 254 8.76 -23.10 0.62
C THR B 254 7.69 -23.07 -0.48
N LEU B 255 7.45 -24.22 -1.11
CA LEU B 255 6.38 -24.33 -2.12
C LEU B 255 5.01 -24.09 -1.46
N GLN B 256 4.78 -24.66 -0.27
CA GLN B 256 3.47 -24.50 0.39
C GLN B 256 3.20 -23.01 0.69
N GLN B 257 4.23 -22.24 1.06
CA GLN B 257 4.02 -20.77 1.36
C GLN B 257 3.47 -20.02 0.14
N GLN B 258 3.60 -20.59 -1.05
CA GLN B 258 3.11 -19.92 -2.26
C GLN B 258 1.61 -20.21 -2.50
N GLU B 259 0.93 -20.98 -1.65
CA GLU B 259 -0.46 -21.45 -1.91
C GLU B 259 -1.49 -20.32 -1.73
N CYS B 260 -1.14 -19.25 -1.00
CA CYS B 260 -2.04 -18.11 -0.80
CA CYS B 260 -2.07 -18.11 -0.80
C CYS B 260 -2.25 -17.36 -2.13
N LYS B 261 -1.39 -17.61 -3.12
CA LYS B 261 -1.56 -16.99 -4.44
C LYS B 261 -2.62 -17.73 -5.27
N LEU B 262 -3.15 -18.86 -4.79
CA LEU B 262 -4.00 -19.71 -5.65
C LEU B 262 -5.42 -19.82 -5.10
N LEU B 263 -5.91 -18.79 -4.41
CA LEU B 263 -7.25 -18.87 -3.86
C LEU B 263 -8.25 -18.38 -4.91
N TYR B 264 -8.37 -19.12 -6.04
CA TYR B 264 -9.33 -18.73 -7.10
C TYR B 264 -10.75 -19.15 -6.70
N SER B 265 -11.74 -18.54 -7.34
CA SER B 265 -13.14 -18.73 -6.95
C SER B 265 -13.64 -20.11 -7.39
N ARG B 266 -14.59 -20.62 -6.61
CA ARG B 266 -15.18 -21.94 -6.72
C ARG B 266 -16.71 -21.82 -6.58
N LYS B 267 -17.30 -20.80 -7.20
CA LYS B 267 -18.69 -20.41 -6.90
C LYS B 267 -19.68 -21.45 -7.45
N GLU B 268 -19.46 -21.98 -8.65
CA GLU B 268 -20.41 -22.93 -9.23
C GLU B 268 -20.56 -24.16 -8.32
N GLY B 269 -19.44 -24.64 -7.77
CA GLY B 269 -19.40 -25.81 -6.90
C GLY B 269 -20.04 -25.58 -5.54
N GLN B 270 -20.11 -24.31 -5.12
CA GLN B 270 -20.70 -23.86 -3.84
C GLN B 270 -22.21 -23.68 -3.94
N ARG B 271 -22.80 -23.70 -5.14
CA ARG B 271 -24.24 -23.46 -5.28
C ARG B 271 -25.04 -24.58 -4.60
N GLN B 272 -26.25 -24.25 -4.17
CA GLN B 272 -27.12 -25.18 -3.41
C GLN B 272 -27.54 -26.34 -4.31
N GLU B 273 -27.78 -26.08 -5.59
CA GLU B 273 -28.17 -27.12 -6.54
C GLU B 273 -27.07 -28.19 -6.66
N ASN B 274 -25.80 -27.84 -6.37
CA ASN B 274 -24.68 -28.74 -6.68
C ASN B 274 -24.10 -29.38 -5.39
N LYS B 275 -24.61 -29.03 -4.22
CA LYS B 275 -24.01 -29.46 -2.94
C LYS B 275 -23.84 -30.98 -2.84
N ASN B 276 -24.81 -31.79 -3.27
CA ASN B 276 -24.70 -33.27 -3.07
C ASN B 276 -24.00 -33.96 -4.26
N LYS B 277 -23.31 -33.19 -5.10
CA LYS B 277 -22.50 -33.75 -6.20
C LYS B 277 -21.01 -33.71 -5.83
N ASN B 278 -20.71 -33.25 -4.62
CA ASN B 278 -19.34 -33.14 -4.13
C ASN B 278 -19.11 -34.16 -3.01
N ARG B 279 -18.10 -35.02 -3.14
CA ARG B 279 -17.76 -36.00 -2.10
C ARG B 279 -17.48 -35.32 -0.75
N TYR B 280 -16.75 -34.20 -0.77
CA TYR B 280 -16.50 -33.37 0.43
C TYR B 280 -16.83 -31.89 0.11
N LYS B 281 -17.68 -31.28 0.93
CA LYS B 281 -18.38 -30.03 0.59
C LYS B 281 -17.42 -28.86 0.34
N ASN B 282 -16.20 -28.87 0.89
CA ASN B 282 -15.26 -27.73 0.76
C ASN B 282 -14.10 -28.06 -0.19
N ILE B 283 -14.10 -29.22 -0.82
CA ILE B 283 -13.08 -29.54 -1.82
C ILE B 283 -13.75 -29.46 -3.19
N LEU B 284 -13.45 -28.37 -3.91
CA LEU B 284 -14.25 -27.95 -5.06
C LEU B 284 -13.36 -27.53 -6.23
N PRO B 285 -13.90 -27.63 -7.45
CA PRO B 285 -13.16 -27.31 -8.67
C PRO B 285 -13.17 -25.79 -8.93
N PHE B 286 -12.05 -25.23 -9.40
CA PHE B 286 -12.01 -23.80 -9.78
C PHE B 286 -13.00 -23.56 -10.90
N ASP B 287 -13.73 -22.44 -10.81
CA ASP B 287 -14.64 -22.03 -11.91
C ASP B 287 -13.96 -22.00 -13.28
N HIS B 288 -12.72 -21.52 -13.34
CA HIS B 288 -12.09 -21.16 -14.63
C HIS B 288 -11.53 -22.40 -15.34
N THR B 289 -11.33 -23.53 -14.62
CA THR B 289 -10.85 -24.77 -15.26
C THR B 289 -11.84 -25.94 -15.15
N ARG B 290 -13.00 -25.75 -14.53
CA ARG B 290 -13.97 -26.84 -14.35
C ARG B 290 -14.43 -27.40 -15.71
N VAL B 291 -14.78 -28.70 -15.70
CA VAL B 291 -15.40 -29.32 -16.85
C VAL B 291 -16.88 -28.94 -16.84
N VAL B 292 -17.35 -28.33 -17.93
CA VAL B 292 -18.76 -27.92 -18.07
C VAL B 292 -19.47 -28.93 -18.98
N LEU B 293 -20.55 -29.53 -18.48
CA LEU B 293 -21.32 -30.53 -19.25
C LEU B 293 -22.49 -29.85 -19.99
N HIS B 294 -22.65 -30.13 -21.27
CA HIS B 294 -23.74 -29.58 -22.05
C HIS B 294 -24.65 -30.71 -22.53
N ASP B 295 -25.85 -30.36 -22.96
CA ASP B 295 -26.82 -31.31 -23.57
C ASP B 295 -27.46 -32.30 -22.58
N GLY B 296 -27.75 -31.85 -21.36
CA GLY B 296 -28.38 -32.69 -20.34
C GLY B 296 -29.89 -32.82 -20.54
N VAL B 302 -29.99 -27.87 -12.48
CA VAL B 302 -28.60 -27.73 -12.93
C VAL B 302 -28.08 -29.08 -13.40
N SER B 303 -27.67 -29.16 -14.68
CA SER B 303 -27.16 -30.37 -15.28
C SER B 303 -25.81 -30.13 -15.97
N ASP B 304 -25.11 -29.05 -15.58
CA ASP B 304 -23.82 -28.70 -16.21
C ASP B 304 -22.59 -28.94 -15.30
N TYR B 305 -22.79 -29.41 -14.06
CA TYR B 305 -21.72 -29.43 -13.05
C TYR B 305 -21.21 -30.86 -12.77
N ILE B 306 -19.89 -31.00 -12.72
CA ILE B 306 -19.22 -32.17 -12.14
C ILE B 306 -17.97 -31.65 -11.41
N ASN B 307 -17.60 -32.29 -10.30
CA ASN B 307 -16.39 -31.96 -9.54
C ASN B 307 -15.17 -32.53 -10.26
N ALA B 308 -14.60 -31.72 -11.17
CA ALA B 308 -13.56 -32.14 -12.13
C ALA B 308 -12.93 -30.92 -12.80
N ASN B 309 -11.60 -30.95 -13.01
CA ASN B 309 -10.89 -29.84 -13.75
C ASN B 309 -10.04 -30.35 -14.93
N ILE B 310 -9.96 -29.54 -15.99
CA ILE B 310 -8.93 -29.73 -17.03
C ILE B 310 -7.58 -29.30 -16.43
N ILE B 311 -6.54 -30.10 -16.73
CA ILE B 311 -5.15 -29.83 -16.39
C ILE B 311 -4.34 -29.82 -17.70
N MET B 312 -3.82 -28.67 -18.07
CA MET B 312 -2.94 -28.54 -19.24
C MET B 312 -1.53 -28.23 -18.74
N PRO B 313 -0.53 -29.03 -19.15
CA PRO B 313 0.83 -28.67 -18.74
C PRO B 313 1.26 -27.39 -19.49
N GLU B 314 2.04 -26.53 -18.84
CA GLU B 314 2.48 -25.23 -19.41
C GLU B 314 3.72 -24.75 -18.66
N LYS B 325 2.22 -33.09 -25.28
CA LYS B 325 1.06 -32.60 -26.04
C LYS B 325 -0.23 -32.98 -25.29
N LYS B 326 -0.11 -33.88 -24.32
CA LYS B 326 -1.23 -34.61 -23.69
C LYS B 326 -1.84 -33.79 -22.55
N SER B 327 -3.16 -33.81 -22.41
CA SER B 327 -3.79 -33.15 -21.27
C SER B 327 -4.55 -34.17 -20.41
N TYR B 328 -5.04 -33.68 -19.27
CA TYR B 328 -5.67 -34.55 -18.25
C TYR B 328 -7.01 -33.95 -17.79
N ILE B 329 -7.89 -34.81 -17.26
CA ILE B 329 -8.97 -34.40 -16.37
C ILE B 329 -8.75 -35.00 -14.98
N ALA B 330 -8.57 -34.15 -13.96
CA ALA B 330 -8.46 -34.63 -12.59
C ALA B 330 -9.85 -34.56 -11.94
N THR B 331 -10.30 -35.66 -11.30
CA THR B 331 -11.65 -35.71 -10.74
C THR B 331 -11.67 -36.64 -9.53
N GLN B 332 -12.80 -36.59 -8.82
CA GLN B 332 -13.05 -37.38 -7.60
C GLN B 332 -13.58 -38.78 -8.00
N GLY B 333 -13.55 -39.68 -7.03
CA GLY B 333 -14.35 -40.93 -7.14
C GLY B 333 -15.85 -40.62 -7.20
N CYS B 334 -16.58 -41.38 -7.99
CA CYS B 334 -18.03 -41.22 -8.15
C CYS B 334 -18.76 -41.38 -6.81
N LEU B 335 -19.86 -40.63 -6.68
CA LEU B 335 -20.94 -40.96 -5.79
C LEU B 335 -22.00 -41.68 -6.63
N GLN B 336 -22.97 -42.27 -5.99
CA GLN B 336 -24.05 -42.99 -6.67
C GLN B 336 -24.78 -42.03 -7.63
N ASN B 337 -25.04 -40.81 -7.19
CA ASN B 337 -25.82 -39.85 -7.98
C ASN B 337 -24.93 -39.08 -8.97
N THR B 338 -23.64 -39.42 -9.14
CA THR B 338 -22.78 -38.77 -10.18
C THR B 338 -22.22 -39.80 -11.18
N VAL B 339 -22.55 -41.09 -11.06
CA VAL B 339 -22.06 -42.09 -12.05
C VAL B 339 -22.49 -41.69 -13.47
N ASN B 340 -23.75 -41.28 -13.65
CA ASN B 340 -24.28 -40.95 -14.97
C ASN B 340 -23.53 -39.76 -15.57
N ASP B 341 -23.33 -38.72 -14.77
CA ASP B 341 -22.60 -37.51 -15.16
C ASP B 341 -21.14 -37.82 -15.49
N PHE B 342 -20.55 -38.83 -14.81
CA PHE B 342 -19.17 -39.22 -15.09
C PHE B 342 -19.07 -39.74 -16.53
N TRP B 343 -20.03 -40.56 -16.96
CA TRP B 343 -19.98 -41.12 -18.33
C TRP B 343 -20.34 -40.04 -19.38
N ARG B 344 -21.22 -39.08 -19.03
CA ARG B 344 -21.48 -37.88 -19.90
C ARG B 344 -20.15 -37.15 -20.18
N MET B 345 -19.34 -36.96 -19.13
CA MET B 345 -18.04 -36.27 -19.25
C MET B 345 -17.10 -37.06 -20.18
N VAL B 346 -16.95 -38.35 -19.94
CA VAL B 346 -16.00 -39.14 -20.74
C VAL B 346 -16.36 -39.04 -22.23
N PHE B 347 -17.65 -39.16 -22.52
CA PHE B 347 -18.13 -39.14 -23.88
C PHE B 347 -17.90 -37.75 -24.51
N GLN B 348 -18.36 -36.71 -23.83
CA GLN B 348 -18.30 -35.33 -24.30
C GLN B 348 -16.85 -34.87 -24.60
N GLU B 349 -15.89 -35.32 -23.78
CA GLU B 349 -14.51 -34.84 -23.87
C GLU B 349 -13.69 -35.78 -24.77
N ASN B 350 -14.32 -36.86 -25.26
CA ASN B 350 -13.70 -37.81 -26.18
C ASN B 350 -12.53 -38.55 -25.50
N SER B 351 -12.57 -38.71 -24.17
CA SER B 351 -11.49 -39.42 -23.43
C SER B 351 -11.48 -40.92 -23.78
N ARG B 352 -10.29 -41.54 -23.87
CA ARG B 352 -10.16 -42.98 -24.23
C ARG B 352 -9.32 -43.78 -23.20
N VAL B 353 -8.81 -43.13 -22.17
CA VAL B 353 -8.00 -43.77 -21.13
C VAL B 353 -8.45 -43.21 -19.77
N ILE B 354 -8.76 -44.11 -18.83
CA ILE B 354 -9.04 -43.77 -17.43
C ILE B 354 -7.94 -44.40 -16.57
N VAL B 355 -7.37 -43.62 -15.64
CA VAL B 355 -6.47 -44.08 -14.59
C VAL B 355 -7.21 -43.96 -13.24
N MET B 356 -7.34 -45.08 -12.54
CA MET B 356 -7.99 -45.16 -11.23
C MET B 356 -6.91 -45.49 -10.20
N THR B 357 -6.78 -44.65 -9.14
CA THR B 357 -5.60 -44.72 -8.20
C THR B 357 -5.93 -45.31 -6.82
N THR B 358 -7.16 -45.78 -6.58
CA THR B 358 -7.47 -46.44 -5.32
C THR B 358 -8.24 -47.72 -5.59
N LYS B 359 -8.17 -48.68 -4.65
CA LYS B 359 -9.13 -49.79 -4.60
C LYS B 359 -10.53 -49.19 -4.37
N GLU B 360 -11.57 -50.00 -4.56
CA GLU B 360 -12.95 -49.55 -4.31
C GLU B 360 -13.18 -49.29 -2.81
N VAL B 361 -12.52 -50.07 -1.96
CA VAL B 361 -12.61 -49.95 -0.51
C VAL B 361 -11.18 -50.05 0.04
N GLU B 362 -10.83 -49.19 1.00
CA GLU B 362 -9.51 -49.26 1.68
C GLU B 362 -9.72 -49.01 3.17
N ARG B 363 -9.26 -49.94 4.00
CA ARG B 363 -9.42 -49.88 5.46
C ARG B 363 -10.91 -49.65 5.83
N GLY B 364 -11.79 -50.36 5.14
CA GLY B 364 -13.21 -50.47 5.53
C GLY B 364 -14.09 -49.35 5.01
N LYS B 365 -13.57 -48.43 4.19
CA LYS B 365 -14.38 -47.33 3.65
C LYS B 365 -14.32 -47.33 2.11
N SER B 366 -15.42 -46.87 1.51
CA SER B 366 -15.55 -46.67 0.06
C SER B 366 -14.71 -45.46 -0.38
N LYS B 367 -13.86 -45.66 -1.38
CA LYS B 367 -13.03 -44.57 -1.96
C LYS B 367 -13.57 -44.19 -3.35
N CYS B 368 -13.80 -45.21 -4.20
CA CYS B 368 -14.54 -45.00 -5.48
CA CYS B 368 -14.45 -45.10 -5.49
C CYS B 368 -15.58 -46.13 -5.62
N VAL B 369 -16.84 -45.71 -5.78
CA VAL B 369 -17.90 -46.67 -6.05
C VAL B 369 -17.73 -47.20 -7.47
N LYS B 370 -18.19 -48.43 -7.66
CA LYS B 370 -18.10 -49.14 -8.94
C LYS B 370 -19.01 -48.44 -9.96
N TYR B 371 -18.44 -48.08 -11.12
CA TYR B 371 -19.16 -47.37 -12.20
C TYR B 371 -19.01 -48.10 -13.55
N TRP B 372 -18.50 -49.34 -13.54
CA TRP B 372 -18.28 -50.12 -14.75
C TRP B 372 -18.95 -51.49 -14.54
N PRO B 373 -19.31 -52.19 -15.62
CA PRO B 373 -19.91 -53.51 -15.50
C PRO B 373 -18.87 -54.63 -15.27
N ASP B 374 -19.31 -55.78 -14.77
CA ASP B 374 -18.44 -56.97 -14.69
C ASP B 374 -18.00 -57.48 -16.07
N GLU B 375 -16.95 -58.30 -16.08
CA GLU B 375 -16.40 -58.83 -17.33
C GLU B 375 -17.47 -59.55 -18.14
N TYR B 376 -17.53 -59.26 -19.44
CA TYR B 376 -18.51 -59.80 -20.42
C TYR B 376 -19.92 -59.20 -20.23
N ALA B 377 -20.23 -58.48 -19.14
CA ALA B 377 -21.56 -57.84 -18.93
C ALA B 377 -21.67 -56.48 -19.63
N LEU B 378 -22.91 -55.96 -19.67
CA LEU B 378 -23.28 -54.73 -20.38
C LEU B 378 -24.30 -53.95 -19.54
N LYS B 379 -24.15 -52.62 -19.43
CA LYS B 379 -25.02 -51.82 -18.56
C LYS B 379 -25.32 -50.44 -19.16
N GLU B 380 -26.51 -49.92 -18.86
CA GLU B 380 -26.91 -48.56 -19.27
C GLU B 380 -26.74 -47.62 -18.08
N TYR B 381 -26.12 -46.45 -18.30
CA TYR B 381 -26.00 -45.38 -17.27
C TYR B 381 -26.60 -44.10 -17.85
N GLY B 382 -27.89 -43.85 -17.58
CA GLY B 382 -28.68 -42.84 -18.32
C GLY B 382 -28.66 -43.14 -19.81
N VAL B 383 -28.31 -42.15 -20.65
CA VAL B 383 -28.35 -42.33 -22.12
C VAL B 383 -27.08 -43.03 -22.62
N MET B 384 -26.13 -43.33 -21.74
CA MET B 384 -24.87 -43.99 -22.16
C MET B 384 -24.93 -45.50 -21.86
N ARG B 385 -24.35 -46.32 -22.74
CA ARG B 385 -24.18 -47.72 -22.45
C ARG B 385 -22.69 -48.09 -22.52
N VAL B 386 -22.31 -49.09 -21.71
CA VAL B 386 -20.91 -49.55 -21.57
C VAL B 386 -20.86 -51.09 -21.56
N ARG B 387 -20.06 -51.66 -22.44
CA ARG B 387 -19.76 -53.10 -22.47
C ARG B 387 -18.32 -53.31 -21.95
N ASN B 388 -18.14 -54.24 -20.99
CA ASN B 388 -16.81 -54.72 -20.53
C ASN B 388 -16.44 -55.92 -21.41
N VAL B 389 -15.58 -55.66 -22.39
CA VAL B 389 -15.19 -56.61 -23.40
C VAL B 389 -14.24 -57.66 -22.79
N LYS B 390 -13.33 -57.24 -21.90
CA LYS B 390 -12.23 -58.11 -21.43
C LYS B 390 -11.38 -57.42 -20.32
N GLU B 391 -11.11 -58.16 -19.24
CA GLU B 391 -10.16 -57.73 -18.22
C GLU B 391 -8.83 -58.49 -18.37
N SER B 392 -7.72 -57.81 -18.15
CA SER B 392 -6.38 -58.43 -18.06
C SER B 392 -5.70 -58.00 -16.76
N ALA B 393 -5.32 -58.96 -15.95
CA ALA B 393 -4.72 -58.70 -14.62
C ALA B 393 -3.20 -58.77 -14.69
N ALA B 394 -2.53 -57.77 -14.11
CA ALA B 394 -1.09 -57.84 -13.81
C ALA B 394 -0.93 -57.71 -12.29
N HIS B 395 0.27 -57.81 -11.74
CA HIS B 395 0.42 -57.72 -10.28
C HIS B 395 0.05 -56.32 -9.75
N ASP B 396 0.43 -55.25 -10.45
CA ASP B 396 0.20 -53.89 -9.91
C ASP B 396 -1.17 -53.31 -10.31
N TYR B 397 -1.81 -53.85 -11.36
CA TYR B 397 -3.01 -53.21 -11.91
C TYR B 397 -3.89 -54.21 -12.68
N THR B 398 -5.16 -53.84 -12.84
CA THR B 398 -6.06 -54.52 -13.78
C THR B 398 -6.36 -53.58 -14.96
N LEU B 399 -6.28 -54.08 -16.20
CA LEU B 399 -6.79 -53.36 -17.37
C LEU B 399 -8.20 -53.88 -17.72
N ARG B 400 -9.14 -52.96 -17.97
CA ARG B 400 -10.49 -53.34 -18.41
C ARG B 400 -10.77 -52.63 -19.74
N GLU B 401 -11.04 -53.42 -20.79
CA GLU B 401 -11.37 -52.89 -22.12
C GLU B 401 -12.88 -52.67 -22.19
N LEU B 402 -13.28 -51.39 -22.31
CA LEU B 402 -14.70 -50.99 -22.22
C LEU B 402 -15.14 -50.34 -23.54
N LYS B 403 -16.38 -50.59 -23.92
CA LYS B 403 -16.95 -49.95 -25.13
C LYS B 403 -18.07 -49.02 -24.70
N LEU B 404 -17.91 -47.73 -25.04
CA LEU B 404 -18.85 -46.67 -24.64
C LEU B 404 -19.59 -46.14 -25.86
N SER B 405 -20.91 -45.99 -25.72
CA SER B 405 -21.75 -45.47 -26.80
C SER B 405 -23.04 -44.89 -26.25
N LYS B 406 -23.69 -44.09 -27.09
CA LYS B 406 -24.96 -43.49 -26.78
C LYS B 406 -26.10 -44.42 -27.22
N VAL B 407 -27.05 -44.66 -26.33
CA VAL B 407 -28.17 -45.53 -26.63
C VAL B 407 -28.95 -44.98 -27.84
N GLY B 408 -29.28 -45.86 -28.79
CA GLY B 408 -30.01 -45.49 -30.02
C GLY B 408 -29.09 -45.09 -31.18
N GLN B 409 -27.77 -44.97 -30.96
CA GLN B 409 -26.82 -44.50 -31.99
C GLN B 409 -25.52 -45.32 -31.95
N GLY B 410 -25.49 -46.45 -32.65
CA GLY B 410 -24.33 -47.38 -32.59
C GLY B 410 -23.03 -46.75 -33.10
N ASN B 411 -23.16 -45.92 -34.14
CA ASN B 411 -22.04 -45.14 -34.75
C ASN B 411 -21.37 -44.17 -33.77
N THR B 412 -21.79 -44.09 -32.50
CA THR B 412 -21.15 -43.18 -31.52
C THR B 412 -20.10 -43.93 -30.72
N GLU B 413 -19.86 -45.21 -31.04
CA GLU B 413 -19.15 -46.14 -30.15
C GLU B 413 -17.64 -45.88 -30.23
N ARG B 414 -16.96 -45.98 -29.08
CA ARG B 414 -15.47 -45.93 -29.05
C ARG B 414 -14.96 -46.75 -27.85
N THR B 415 -13.71 -47.21 -27.93
CA THR B 415 -13.09 -47.99 -26.84
C THR B 415 -12.48 -47.03 -25.80
N VAL B 416 -12.78 -47.29 -24.54
CA VAL B 416 -12.18 -46.60 -23.39
C VAL B 416 -11.41 -47.64 -22.57
N TRP B 417 -10.12 -47.41 -22.35
CA TRP B 417 -9.27 -48.36 -21.65
C TRP B 417 -9.09 -47.90 -20.19
N GLN B 418 -9.59 -48.69 -19.23
CA GLN B 418 -9.51 -48.34 -17.79
C GLN B 418 -8.33 -49.08 -17.14
N TYR B 419 -7.36 -48.32 -16.61
CA TYR B 419 -6.19 -48.84 -15.90
C TYR B 419 -6.38 -48.63 -14.39
N HIS B 420 -6.64 -49.71 -13.66
CA HIS B 420 -6.97 -49.68 -12.21
C HIS B 420 -5.78 -50.14 -11.36
N PHE B 421 -5.02 -49.18 -10.78
CA PHE B 421 -3.82 -49.44 -9.94
C PHE B 421 -4.25 -50.04 -8.58
N ARG B 422 -3.56 -51.06 -8.12
CA ARG B 422 -4.04 -51.85 -6.97
C ARG B 422 -3.03 -51.88 -5.82
N THR B 423 -1.76 -51.56 -6.00
CA THR B 423 -0.80 -51.85 -4.92
C THR B 423 -0.43 -50.58 -4.15
N TRP B 424 -1.17 -49.48 -4.29
CA TRP B 424 -0.85 -48.27 -3.48
C TRP B 424 -1.17 -48.55 -2.00
N PRO B 425 -0.19 -48.36 -1.08
CA PRO B 425 -0.33 -48.79 0.32
C PRO B 425 -1.43 -47.98 1.01
N ASP B 426 -2.03 -48.52 2.08
CA ASP B 426 -3.05 -47.79 2.80
C ASP B 426 -2.43 -46.59 3.51
N HIS B 427 -1.19 -46.73 4.01
CA HIS B 427 -0.46 -45.63 4.68
C HIS B 427 0.71 -45.14 3.81
N GLY B 428 0.63 -43.91 3.29
CA GLY B 428 1.81 -43.20 2.77
C GLY B 428 2.04 -43.40 1.27
N VAL B 429 3.27 -43.77 0.90
CA VAL B 429 3.64 -43.92 -0.50
C VAL B 429 4.36 -45.25 -0.71
N PRO B 430 4.40 -45.76 -1.95
CA PRO B 430 5.16 -46.98 -2.27
C PRO B 430 6.64 -46.81 -1.96
N SER B 431 7.27 -47.84 -1.41
CA SER B 431 8.69 -47.79 -1.04
C SER B 431 9.55 -47.84 -2.31
N ASP B 432 9.05 -48.49 -3.35
CA ASP B 432 9.71 -48.47 -4.67
C ASP B 432 8.80 -47.89 -5.77
N PRO B 433 9.33 -46.93 -6.56
CA PRO B 433 8.55 -46.35 -7.65
C PRO B 433 8.40 -47.23 -8.91
N GLY B 434 9.12 -48.36 -9.01
CA GLY B 434 9.10 -49.25 -10.21
C GLY B 434 7.70 -49.50 -10.77
N GLY B 435 6.75 -49.90 -9.92
CA GLY B 435 5.40 -50.25 -10.38
C GLY B 435 4.61 -49.06 -10.92
N VAL B 436 4.72 -47.91 -10.25
CA VAL B 436 4.07 -46.68 -10.76
C VAL B 436 4.64 -46.31 -12.14
N LEU B 437 5.96 -46.39 -12.32
CA LEU B 437 6.62 -46.01 -13.60
C LEU B 437 6.21 -46.98 -14.74
N ASP B 438 6.30 -48.29 -14.52
CA ASP B 438 5.87 -49.26 -15.56
C ASP B 438 4.40 -49.06 -16.01
N PHE B 439 3.54 -48.80 -15.04
CA PHE B 439 2.10 -48.53 -15.24
C PHE B 439 1.92 -47.29 -16.12
N LEU B 440 2.61 -46.18 -15.79
CA LEU B 440 2.38 -44.92 -16.53
C LEU B 440 3.01 -45.06 -17.93
N GLU B 441 4.10 -45.82 -18.05
CA GLU B 441 4.71 -46.04 -19.38
C GLU B 441 3.69 -46.71 -20.32
N GLU B 442 2.97 -47.69 -19.78
CA GLU B 442 1.96 -48.44 -20.51
C GLU B 442 0.78 -47.52 -20.87
N VAL B 443 0.30 -46.72 -19.90
CA VAL B 443 -0.81 -45.79 -20.09
C VAL B 443 -0.47 -44.79 -21.20
N HIS B 444 0.80 -44.38 -21.26
CA HIS B 444 1.28 -43.37 -22.25
C HIS B 444 1.27 -43.96 -23.67
N HIS B 445 1.74 -45.20 -23.83
CA HIS B 445 1.74 -45.82 -25.18
C HIS B 445 0.30 -46.08 -25.66
N LYS B 446 -0.63 -46.44 -24.78
CA LYS B 446 -2.01 -46.65 -25.20
C LYS B 446 -2.61 -45.35 -25.74
N GLN B 447 -2.54 -44.28 -24.93
CA GLN B 447 -3.05 -42.93 -25.31
C GLN B 447 -2.47 -42.46 -26.64
N GLU B 448 -1.16 -42.63 -26.78
CA GLU B 448 -0.44 -42.18 -27.97
C GLU B 448 -0.87 -43.00 -29.22
N SER B 449 -1.34 -44.23 -29.06
CA SER B 449 -1.69 -45.10 -30.17
C SER B 449 -3.10 -44.81 -30.70
N ILE B 450 -3.81 -43.85 -30.10
CA ILE B 450 -5.22 -43.62 -30.44
C ILE B 450 -5.35 -42.25 -31.10
N MET B 451 -5.84 -42.25 -32.35
CA MET B 451 -5.94 -41.02 -33.14
C MET B 451 -7.04 -40.11 -32.56
N ASP B 452 -6.70 -38.84 -32.40
CA ASP B 452 -7.64 -37.84 -31.84
C ASP B 452 -8.15 -38.07 -30.38
N ALA B 453 -7.45 -38.87 -29.57
CA ALA B 453 -7.93 -39.11 -28.21
C ALA B 453 -7.95 -37.78 -27.45
N GLY B 454 -8.90 -37.65 -26.54
CA GLY B 454 -9.03 -36.50 -25.66
C GLY B 454 -8.23 -36.69 -24.39
N PRO B 455 -8.46 -35.83 -23.40
CA PRO B 455 -7.67 -35.83 -22.19
C PRO B 455 -7.78 -37.14 -21.40
N VAL B 456 -6.70 -37.52 -20.72
CA VAL B 456 -6.64 -38.74 -19.89
C VAL B 456 -7.31 -38.44 -18.55
N VAL B 457 -8.30 -39.24 -18.18
CA VAL B 457 -9.03 -39.03 -16.90
C VAL B 457 -8.23 -39.71 -15.78
N VAL B 458 -7.97 -38.99 -14.68
CA VAL B 458 -7.26 -39.52 -13.51
C VAL B 458 -8.11 -39.26 -12.26
N HIS B 459 -8.40 -40.29 -11.44
CA HIS B 459 -9.29 -40.09 -10.29
C HIS B 459 -9.10 -41.09 -9.15
N CYS B 460 -9.85 -40.76 -8.08
CA CYS B 460 -10.41 -41.58 -6.94
C CYS B 460 -10.20 -40.76 -5.65
N SER B 461 -10.93 -41.10 -4.60
CA SER B 461 -10.94 -40.35 -3.36
C SER B 461 -11.42 -38.91 -3.62
N ALA B 462 -10.74 -37.88 -3.13
CA ALA B 462 -11.12 -36.44 -3.38
C ALA B 462 -10.50 -35.88 -4.67
N GLY B 463 -9.60 -36.62 -5.30
CA GLY B 463 -9.07 -36.26 -6.60
C GLY B 463 -7.99 -35.19 -6.52
N ILE B 464 -7.21 -35.14 -5.44
CA ILE B 464 -6.14 -34.12 -5.34
C ILE B 464 -4.80 -34.71 -4.91
N GLY B 465 -4.79 -35.72 -4.03
CA GLY B 465 -3.52 -36.21 -3.47
C GLY B 465 -2.80 -37.18 -4.41
N ARG B 466 -3.27 -38.45 -4.44
CA ARG B 466 -2.66 -39.45 -5.33
C ARG B 466 -2.81 -38.99 -6.80
N THR B 467 -4.00 -38.48 -7.15
CA THR B 467 -4.30 -37.97 -8.51
C THR B 467 -3.25 -36.93 -8.92
N GLY B 468 -2.89 -36.04 -8.01
CA GLY B 468 -1.92 -35.00 -8.33
C GLY B 468 -0.51 -35.54 -8.46
N THR B 469 -0.20 -36.52 -7.62
CA THR B 469 1.12 -37.15 -7.64
C THR B 469 1.33 -37.86 -9.00
N PHE B 470 0.36 -38.67 -9.42
CA PHE B 470 0.43 -39.40 -10.73
C PHE B 470 0.55 -38.43 -11.92
N ILE B 471 -0.23 -37.34 -11.92
CA ILE B 471 -0.21 -36.41 -13.04
C ILE B 471 1.16 -35.73 -13.09
N VAL B 472 1.65 -35.23 -11.95
CA VAL B 472 2.95 -34.53 -11.95
C VAL B 472 4.07 -35.49 -12.41
N ILE B 473 4.07 -36.75 -11.96
CA ILE B 473 5.14 -37.69 -12.37
C ILE B 473 5.02 -37.86 -13.88
N ASP B 474 3.79 -37.95 -14.40
CA ASP B 474 3.58 -38.10 -15.82
C ASP B 474 4.15 -36.94 -16.62
N ILE B 475 3.86 -35.72 -16.20
CA ILE B 475 4.34 -34.55 -16.93
C ILE B 475 5.87 -34.55 -17.02
N LEU B 476 6.54 -34.76 -15.89
CA LEU B 476 8.02 -34.72 -15.79
C LEU B 476 8.67 -35.81 -16.64
N ILE B 477 8.15 -37.05 -16.58
CA ILE B 477 8.72 -38.18 -17.35
C ILE B 477 8.56 -37.91 -18.85
N ASP B 478 7.47 -37.24 -19.26
CA ASP B 478 7.23 -36.88 -20.69
C ASP B 478 8.34 -36.01 -21.28
N ILE B 479 8.84 -35.09 -20.47
CA ILE B 479 9.94 -34.22 -20.90
C ILE B 479 11.16 -35.08 -21.23
N ILE B 480 11.47 -36.00 -20.33
CA ILE B 480 12.66 -36.82 -20.44
C ILE B 480 12.43 -37.84 -21.57
N ARG B 481 11.22 -38.38 -21.69
CA ARG B 481 10.92 -39.34 -22.77
C ARG B 481 11.20 -38.68 -24.12
N GLU B 482 10.69 -37.47 -24.34
CA GLU B 482 10.87 -36.75 -25.61
C GLU B 482 12.31 -36.22 -25.76
N LYS B 483 12.89 -35.64 -24.71
CA LYS B 483 14.09 -34.81 -24.86
C LYS B 483 15.35 -35.54 -24.37
N GLY B 484 15.19 -36.71 -23.78
CA GLY B 484 16.35 -37.47 -23.30
C GLY B 484 16.87 -36.94 -21.97
N VAL B 485 18.02 -37.47 -21.57
CA VAL B 485 18.49 -37.36 -20.21
C VAL B 485 18.98 -35.92 -19.96
N ASP B 486 19.46 -35.25 -21.01
CA ASP B 486 19.95 -33.86 -20.93
C ASP B 486 18.87 -32.82 -21.24
N CYS B 487 18.17 -32.41 -20.19
CA CYS B 487 17.07 -31.44 -20.27
C CYS B 487 16.78 -30.92 -18.87
N ASP B 488 16.03 -29.82 -18.78
CA ASP B 488 15.81 -29.14 -17.52
C ASP B 488 14.50 -29.57 -16.92
N ILE B 489 14.49 -29.89 -15.63
CA ILE B 489 13.24 -30.08 -14.89
C ILE B 489 13.24 -29.16 -13.67
N ASP B 490 12.04 -28.82 -13.19
CA ASP B 490 11.86 -28.00 -12.00
C ASP B 490 10.57 -28.45 -11.29
N VAL B 491 10.74 -29.35 -10.32
CA VAL B 491 9.64 -30.07 -9.66
C VAL B 491 8.66 -29.10 -8.98
N PRO B 492 9.12 -28.25 -8.03
CA PRO B 492 8.14 -27.36 -7.37
C PRO B 492 7.39 -26.39 -8.31
N LYS B 493 8.05 -25.93 -9.37
CA LYS B 493 7.42 -25.02 -10.33
C LYS B 493 6.38 -25.78 -11.17
N THR B 494 6.66 -27.04 -11.52
CA THR B 494 5.63 -27.86 -12.21
C THR B 494 4.40 -28.01 -11.29
N ILE B 495 4.61 -28.34 -10.02
CA ILE B 495 3.50 -28.52 -9.05
C ILE B 495 2.69 -27.21 -8.92
N GLN B 496 3.37 -26.05 -8.82
CA GLN B 496 2.64 -24.77 -8.64
C GLN B 496 1.70 -24.53 -9.84
N MET B 497 2.17 -24.77 -11.06
CA MET B 497 1.38 -24.57 -12.28
C MET B 497 0.15 -25.51 -12.28
N VAL B 498 0.31 -26.73 -11.77
CA VAL B 498 -0.79 -27.73 -11.72
C VAL B 498 -1.80 -27.36 -10.62
N ARG B 499 -1.29 -26.91 -9.47
CA ARG B 499 -2.12 -26.43 -8.36
C ARG B 499 -2.95 -25.19 -8.75
N SER B 500 -2.55 -24.49 -9.82
CA SER B 500 -3.32 -23.31 -10.25
C SER B 500 -4.55 -23.74 -11.07
N GLN B 501 -4.70 -25.05 -11.32
CA GLN B 501 -5.82 -25.57 -12.19
C GLN B 501 -6.77 -26.47 -11.37
N ARG B 502 -6.32 -27.04 -10.24
CA ARG B 502 -7.20 -27.69 -9.24
C ARG B 502 -6.54 -27.57 -7.85
N SER B 503 -7.36 -27.39 -6.80
CA SER B 503 -6.88 -27.05 -5.44
C SER B 503 -6.09 -28.21 -4.83
N GLY B 504 -4.87 -27.92 -4.39
CA GLY B 504 -4.09 -28.80 -3.53
C GLY B 504 -3.55 -30.05 -4.24
N MET B 505 -3.35 -29.96 -5.55
CA MET B 505 -2.74 -31.08 -6.29
C MET B 505 -1.34 -31.42 -5.71
N VAL B 506 -1.20 -32.65 -5.21
CA VAL B 506 -0.08 -33.13 -4.37
C VAL B 506 -0.32 -32.59 -2.96
N GLN B 507 -0.46 -33.50 -1.99
CA GLN B 507 -0.98 -33.17 -0.65
C GLN B 507 0.14 -33.14 0.41
N THR B 508 1.16 -34.01 0.32
CA THR B 508 2.08 -34.24 1.45
C THR B 508 3.54 -34.29 1.01
N GLU B 509 4.40 -34.10 2.02
CA GLU B 509 5.83 -34.10 1.85
C GLU B 509 6.30 -35.49 1.39
N ALA B 510 5.65 -36.56 1.87
CA ALA B 510 5.99 -37.93 1.46
C ALA B 510 5.74 -38.14 -0.05
N GLN B 511 4.64 -37.60 -0.57
CA GLN B 511 4.35 -37.62 -2.02
C GLN B 511 5.38 -36.78 -2.78
N TYR B 512 5.74 -35.64 -2.22
CA TYR B 512 6.76 -34.75 -2.83
C TYR B 512 8.07 -35.50 -3.07
N ARG B 513 8.56 -36.17 -2.02
CA ARG B 513 9.80 -36.91 -2.07
C ARG B 513 9.67 -38.08 -3.07
N PHE B 514 8.47 -38.66 -3.15
CA PHE B 514 8.24 -39.80 -4.05
C PHE B 514 8.32 -39.36 -5.52
N ILE B 515 7.87 -38.15 -5.84
CA ILE B 515 7.99 -37.62 -7.23
C ILE B 515 9.46 -37.53 -7.62
N TYR B 516 10.28 -36.98 -6.72
CA TYR B 516 11.76 -36.92 -6.92
C TYR B 516 12.33 -38.33 -7.15
N MET B 517 11.92 -39.31 -6.32
CA MET B 517 12.47 -40.68 -6.42
C MET B 517 12.02 -41.37 -7.72
N ALA B 518 10.80 -41.11 -8.18
CA ALA B 518 10.32 -41.71 -9.42
C ALA B 518 11.13 -41.18 -10.61
N VAL B 519 11.34 -39.86 -10.66
CA VAL B 519 12.15 -39.26 -11.73
C VAL B 519 13.59 -39.81 -11.68
N GLN B 520 14.17 -39.93 -10.49
CA GLN B 520 15.53 -40.53 -10.31
C GLN B 520 15.60 -41.95 -10.90
N HIS B 521 14.62 -42.80 -10.58
CA HIS B 521 14.58 -44.21 -11.05
C HIS B 521 14.41 -44.27 -12.57
N TYR B 522 13.58 -43.39 -13.14
CA TYR B 522 13.35 -43.33 -14.59
C TYR B 522 14.67 -43.01 -15.31
N ILE B 523 15.37 -41.99 -14.85
CA ILE B 523 16.68 -41.58 -15.44
C ILE B 523 17.68 -42.74 -15.35
N GLU B 524 17.79 -43.35 -14.17
CA GLU B 524 18.78 -44.43 -13.93
C GLU B 524 18.52 -45.62 -14.86
N THR B 525 17.24 -45.91 -15.15
CA THR B 525 16.84 -47.03 -16.04
C THR B 525 17.32 -46.78 -17.48
N LEU B 526 17.05 -45.59 -17.99
CA LEU B 526 17.54 -45.12 -19.31
C LEU B 526 19.06 -45.28 -19.41
N GLN B 527 19.77 -44.81 -18.39
CA GLN B 527 21.21 -44.79 -18.47
C GLN B 527 21.80 -46.21 -18.35
N ARG B 528 21.06 -47.15 -17.76
CA ARG B 528 21.53 -48.56 -17.73
C ARG B 528 21.41 -49.18 -19.13
N ARG B 529 20.50 -48.68 -19.98
CA ARG B 529 20.42 -49.13 -21.38
C ARG B 529 21.70 -48.77 -22.14
N LEU B 530 22.23 -47.56 -21.91
CA LEU B 530 23.45 -47.12 -22.60
C LEU B 530 24.64 -47.97 -22.17
N GLU B 531 24.72 -48.30 -20.88
CA GLU B 531 25.88 -49.02 -20.33
C GLU B 531 25.92 -50.47 -20.85
N HIS B 532 24.74 -51.08 -21.04
CA HIS B 532 24.66 -52.44 -21.63
C HIS B 532 25.14 -52.43 -23.08
N HIS B 533 24.83 -51.35 -23.80
CA HIS B 533 25.15 -51.24 -25.22
C HIS B 533 26.67 -51.34 -25.44
N HIS B 534 27.47 -50.68 -24.61
CA HIS B 534 28.92 -50.69 -24.78
C HIS B 534 29.53 -51.96 -24.18
C2 A1H4J C . -8.79 21.98 4.53
C3 A1H4J C . -10.06 22.10 5.02
C5 A1H4J C . -9.21 21.96 7.27
C6 A1H4J C . -7.92 21.84 6.75
C7 A1H4J C . -7.71 21.85 5.37
C8 A1H4J C . -9.44 21.95 8.72
C10 A1H4J C . -10.29 21.65 10.75
CL1 A1H4J C . -8.54 21.99 2.81
C4 A1H4J C . -10.27 22.10 6.38
C9 A1H4J C . -10.51 21.41 9.44
N11 A1H4J C . -9.12 22.31 10.82
N12 A1H4J C . -8.58 22.51 9.58
H14 A1H4J C . -10.81 22.19 4.42
H16 A1H4J C . -7.18 21.74 7.34
H17 A1H4J C . -6.84 21.76 5.02
H19 A1H4J C . -10.83 21.41 11.49
H15 A1H4J C . -11.17 22.18 6.73
H18 A1H4J C . -11.26 20.96 9.07
H13 A1H4J C . -8.72 22.59 11.55
C2 A1H4J D . 7.64 -21.95 -7.59
C3 A1H4J D . 7.19 -22.12 -6.30
C5 A1H4J D . 9.43 -22.75 -5.64
C6 A1H4J D . 9.84 -22.55 -6.96
C7 A1H4J D . 8.94 -22.16 -7.92
C8 A1H4J D . 10.39 -23.18 -4.62
C10 A1H4J D . 12.17 -23.40 -3.30
CL1 A1H4J D . 6.51 -21.44 -8.81
C4 A1H4J D . 8.09 -22.53 -5.33
C9 A1H4J D . 11.67 -22.68 -4.34
N11 A1H4J D . 11.22 -24.30 -2.98
N12 A1H4J D . 10.12 -24.18 -3.77
H14 A1H4J D . 6.28 -21.98 -6.08
H16 A1H4J D . 10.76 -22.70 -7.19
H17 A1H4J D . 9.23 -22.03 -8.83
H19 A1H4J D . 13.01 -23.30 -2.89
H15 A1H4J D . 7.79 -22.66 -4.43
H18 A1H4J D . 12.10 -21.98 -4.80
H13 A1H4J D . 11.27 -24.89 -2.33
#